data_2H3P
#
_entry.id   2H3P
#
_cell.length_a   163.900
_cell.length_b   89.240
_cell.length_c   122.640
_cell.angle_alpha   90.00
_cell.angle_beta   128.96
_cell.angle_gamma   90.00
#
_symmetry.space_group_name_H-M   'C 1 2 1'
#
loop_
_entity.id
_entity.type
_entity.pdbx_description
1 polymer 'carnitine acetyltransferase'
2 non-polymer 'COENZYME A'
3 non-polymer CARNITINE
4 non-polymer 'ACETYL COENZYME *A'
5 water water
#
_entity_poly.entity_id   1
_entity_poly.type   'polypeptide(L)'
_entity_poly.pdbx_seq_one_letter_code
;SHMAHQDALPRLPVPPLQQSLDYYLKALQPIVSEEEWAHTKQLVDEFQTSGGVGERLQKGLERRAKKMENWLSEWWLKTA
YLQFRQPVVIYSSPGVILPKQDFVDLQGQLRFAAKLIEGVLDFKSMIDNETLPVEFLGGQPLCMNQYYQILSSCRVPGPK
QDSVVNFLKSKRPPTHITVVHNYQFFELDVYHSDGTPLTSDQIFVQLEKIWNSSLQSNKEPVGILTSNHRNTWAKAYNNL
IKDKVNRESVNSIQKSIFTVCLDKQVPRVSDDVYRNHVAGQMLHGGGSKFNSGNRWFDKTLQFIVAEDGSCGMVYEHAAA
EGPPIVALVDHVMEYTKKPELVRSPMVPLPMPKKLRFNITPEIKNDIEKAKQNLSIMIQDLDIMMLTFHHFGKDFPKSEK
LSPDAFIQVALQLAYYRIYGQACATYESASLRMFHLGRTDTIRSASIDSLAFVKGMGDSTVPEQQKVELLRKAVQAHRAY
TDRAIRGEAFDRHLLGLKLQAIEDLVSMPDIFMDTSYAIAMHFNLSTSQVPAKTDCVMFFGPVVPDGYGICYNPMEAHIN
FSVSAYNSCAETNAARMAHYLEKALLDMRTLLQNHPRAK
;
_entity_poly.pdbx_strand_id   A,B
#
# COMPACT_ATOMS: atom_id res chain seq x y z
N SER A 1 -16.71 34.67 21.90
CA SER A 1 -17.44 35.53 20.91
C SER A 1 -16.89 36.95 20.95
N HIS A 2 -17.69 37.89 20.46
CA HIS A 2 -17.28 39.29 20.45
C HIS A 2 -16.94 39.70 21.88
N MET A 3 -15.67 40.03 22.11
CA MET A 3 -15.19 40.44 23.41
C MET A 3 -16.08 41.47 24.10
N ALA A 4 -16.45 42.52 23.35
CA ALA A 4 -17.29 43.58 23.89
C ALA A 4 -18.59 43.04 24.52
N HIS A 5 -19.26 42.14 23.80
CA HIS A 5 -20.50 41.54 24.28
C HIS A 5 -20.27 40.75 25.56
N GLN A 6 -19.29 39.85 25.52
CA GLN A 6 -18.97 39.02 26.67
C GLN A 6 -18.57 39.81 27.91
N ASP A 7 -17.84 40.90 27.71
CA ASP A 7 -17.38 41.73 28.83
C ASP A 7 -18.52 42.40 29.60
N ALA A 8 -19.65 42.61 28.93
CA ALA A 8 -20.79 43.25 29.58
C ALA A 8 -21.68 42.24 30.30
N LEU A 9 -21.53 40.97 29.98
CA LEU A 9 -22.33 39.93 30.62
C LEU A 9 -21.87 39.70 32.05
N PRO A 10 -22.82 39.50 32.97
CA PRO A 10 -22.46 39.27 34.37
C PRO A 10 -21.73 37.94 34.50
N ARG A 11 -20.95 37.80 35.58
CA ARG A 11 -20.19 36.58 35.84
C ARG A 11 -21.01 35.59 36.66
N LEU A 12 -20.75 34.30 36.46
CA LEU A 12 -21.47 33.25 37.18
C LEU A 12 -21.32 33.42 38.69
N PRO A 13 -22.44 33.65 39.39
CA PRO A 13 -22.36 33.83 40.84
C PRO A 13 -22.31 32.53 41.61
N VAL A 14 -22.11 32.68 42.92
CA VAL A 14 -22.07 31.53 43.80
C VAL A 14 -23.26 31.77 44.70
N PRO A 15 -24.27 30.91 44.61
CA PRO A 15 -25.47 31.05 45.45
C PRO A 15 -25.09 31.02 46.93
N PRO A 16 -25.97 31.57 47.79
CA PRO A 16 -25.73 31.58 49.24
C PRO A 16 -25.74 30.13 49.71
N LEU A 17 -24.82 29.79 50.62
CA LEU A 17 -24.73 28.44 51.14
C LEU A 17 -26.00 27.95 51.82
N GLN A 18 -26.52 28.75 52.74
CA GLN A 18 -27.73 28.36 53.45
C GLN A 18 -28.92 28.27 52.52
N GLN A 19 -28.94 29.08 51.47
CA GLN A 19 -30.03 29.08 50.50
C GLN A 19 -30.09 27.79 49.68
N SER A 20 -28.94 27.38 49.15
CA SER A 20 -28.87 26.17 48.34
C SER A 20 -29.16 24.92 49.15
N LEU A 21 -28.76 24.92 50.42
CA LEU A 21 -28.99 23.77 51.29
C LEU A 21 -30.48 23.65 51.57
N ASP A 22 -31.15 24.81 51.70
CA ASP A 22 -32.58 24.84 51.95
C ASP A 22 -33.32 24.26 50.76
N TYR A 23 -32.95 24.69 49.56
CA TYR A 23 -33.59 24.20 48.35
C TYR A 23 -33.32 22.72 48.14
N TYR A 24 -32.15 22.28 48.59
CA TYR A 24 -31.74 20.89 48.46
C TYR A 24 -32.64 19.98 49.32
N LEU A 25 -32.87 20.39 50.56
CA LEU A 25 -33.71 19.64 51.48
C LEU A 25 -35.14 19.54 50.95
N LYS A 26 -35.65 20.62 50.40
CA LYS A 26 -37.01 20.65 49.85
C LYS A 26 -37.17 19.74 48.64
N ALA A 27 -36.13 19.70 47.82
CA ALA A 27 -36.15 18.88 46.61
C ALA A 27 -36.00 17.40 46.95
N LEU A 28 -35.48 17.11 48.14
CA LEU A 28 -35.27 15.73 48.59
C LEU A 28 -36.53 15.09 49.16
N GLN A 29 -37.37 15.89 49.81
CA GLN A 29 -38.58 15.38 50.43
C GLN A 29 -39.38 14.39 49.60
N PRO A 30 -39.69 14.73 48.33
CA PRO A 30 -40.47 13.81 47.49
C PRO A 30 -39.75 12.57 46.97
N ILE A 31 -38.43 12.51 47.12
CA ILE A 31 -37.68 11.36 46.62
C ILE A 31 -36.96 10.51 47.66
N VAL A 32 -37.03 10.90 48.93
CA VAL A 32 -36.39 10.14 50.00
C VAL A 32 -37.35 9.89 51.16
N SER A 33 -37.01 8.93 52.02
CA SER A 33 -37.84 8.59 53.16
C SER A 33 -37.68 9.63 54.25
N GLU A 34 -38.59 9.58 55.22
CA GLU A 34 -38.55 10.51 56.34
C GLU A 34 -37.27 10.29 57.14
N GLU A 35 -36.86 9.04 57.27
CA GLU A 35 -35.66 8.71 58.02
C GLU A 35 -34.41 9.31 57.36
N GLU A 36 -34.31 9.13 56.04
CA GLU A 36 -33.17 9.65 55.28
C GLU A 36 -33.19 11.17 55.25
N TRP A 37 -34.38 11.77 55.13
CA TRP A 37 -34.49 13.22 55.10
C TRP A 37 -34.08 13.80 56.44
N ALA A 38 -34.52 13.15 57.52
CA ALA A 38 -34.20 13.59 58.87
C ALA A 38 -32.69 13.53 59.09
N HIS A 39 -32.07 12.49 58.53
CA HIS A 39 -30.63 12.33 58.65
C HIS A 39 -29.92 13.43 57.88
N THR A 40 -30.30 13.61 56.62
CA THR A 40 -29.67 14.63 55.78
C THR A 40 -29.84 16.01 56.40
N LYS A 41 -31.00 16.26 56.98
CA LYS A 41 -31.31 17.53 57.63
C LYS A 41 -30.27 17.85 58.71
N GLN A 42 -29.83 16.84 59.45
CA GLN A 42 -28.84 17.06 60.49
C GLN A 42 -27.48 17.35 59.88
N LEU A 43 -27.14 16.60 58.85
CA LEU A 43 -25.86 16.79 58.18
C LEU A 43 -25.76 18.21 57.65
N VAL A 44 -26.84 18.69 57.06
CA VAL A 44 -26.87 20.05 56.52
C VAL A 44 -26.62 21.08 57.62
N ASP A 45 -27.35 20.95 58.74
CA ASP A 45 -27.19 21.89 59.84
C ASP A 45 -25.74 21.98 60.28
N GLU A 46 -25.11 20.82 60.48
CA GLU A 46 -23.72 20.76 60.91
C GLU A 46 -22.83 21.39 59.84
N PHE A 47 -23.05 20.96 58.60
CA PHE A 47 -22.32 21.42 57.43
C PHE A 47 -22.32 22.94 57.25
N GLN A 48 -23.41 23.59 57.62
CA GLN A 48 -23.51 25.04 57.44
C GLN A 48 -23.27 25.89 58.69
N THR A 49 -23.00 25.26 59.82
CA THR A 49 -22.78 25.99 61.06
C THR A 49 -21.58 26.94 60.95
N SER A 50 -21.55 27.95 61.83
CA SER A 50 -20.46 28.92 61.84
C SER A 50 -19.14 28.21 62.11
N GLY A 51 -18.11 28.57 61.35
CA GLY A 51 -16.81 27.95 61.52
C GLY A 51 -16.80 26.47 61.15
N GLY A 52 -17.82 26.06 60.40
CA GLY A 52 -17.89 24.66 59.99
C GLY A 52 -17.21 24.40 58.66
N VAL A 53 -17.36 23.17 58.18
CA VAL A 53 -16.78 22.72 56.91
C VAL A 53 -17.39 23.43 55.70
N GLY A 54 -18.72 23.43 55.62
CA GLY A 54 -19.39 24.07 54.49
C GLY A 54 -19.01 25.51 54.28
N GLU A 55 -18.91 26.26 55.38
CA GLU A 55 -18.54 27.66 55.31
C GLU A 55 -17.17 27.86 54.69
N ARG A 56 -16.22 27.01 55.05
CA ARG A 56 -14.87 27.12 54.50
C ARG A 56 -14.86 26.82 53.00
N LEU A 57 -15.69 25.87 52.59
CA LEU A 57 -15.77 25.51 51.17
C LEU A 57 -16.42 26.64 50.37
N GLN A 58 -17.45 27.25 50.94
CA GLN A 58 -18.16 28.34 50.30
C GLN A 58 -17.19 29.49 50.06
N LYS A 59 -16.37 29.78 51.08
CA LYS A 59 -15.38 30.85 51.00
C LYS A 59 -14.45 30.57 49.81
N GLY A 60 -14.07 29.32 49.68
CA GLY A 60 -13.19 28.91 48.60
C GLY A 60 -13.81 29.11 47.23
N LEU A 61 -15.07 28.74 47.10
CA LEU A 61 -15.76 28.90 45.82
C LEU A 61 -15.78 30.38 45.46
N GLU A 62 -16.07 31.23 46.46
CA GLU A 62 -16.12 32.66 46.22
C GLU A 62 -14.76 33.21 45.81
N ARG A 63 -13.68 32.62 46.31
CA ARG A 63 -12.34 33.08 45.92
C ARG A 63 -12.09 32.66 44.48
N ARG A 64 -12.58 31.48 44.13
CA ARG A 64 -12.42 30.92 42.79
C ARG A 64 -13.13 31.81 41.78
N ALA A 65 -14.27 32.37 42.18
CA ALA A 65 -15.04 33.24 41.30
C ALA A 65 -14.34 34.56 41.05
N LYS A 66 -13.55 35.04 42.01
CA LYS A 66 -12.85 36.29 41.86
C LYS A 66 -11.54 36.15 41.08
N LYS A 67 -11.13 34.91 40.81
CA LYS A 67 -9.89 34.73 40.08
C LYS A 67 -10.04 33.97 38.76
N MET A 68 -11.28 33.83 38.30
CA MET A 68 -11.57 33.15 37.03
C MET A 68 -12.76 33.80 36.36
N GLU A 69 -12.86 33.64 35.05
CA GLU A 69 -13.99 34.22 34.32
C GLU A 69 -15.27 33.53 34.78
N ASN A 70 -15.19 32.23 35.03
CA ASN A 70 -16.33 31.43 35.46
C ASN A 70 -15.80 30.36 36.41
N TRP A 71 -16.23 30.38 37.67
CA TRP A 71 -15.75 29.38 38.63
C TRP A 71 -16.14 27.94 38.33
N LEU A 72 -17.22 27.76 37.56
CA LEU A 72 -17.72 26.42 37.25
C LEU A 72 -17.26 25.82 35.93
N SER A 73 -17.06 26.68 34.94
CA SER A 73 -16.63 26.31 33.58
C SER A 73 -15.77 25.07 33.39
N GLU A 74 -14.52 25.18 33.83
CA GLU A 74 -13.57 24.08 33.67
C GLU A 74 -13.98 22.84 34.47
N TRP A 75 -14.46 23.05 35.68
CA TRP A 75 -14.88 21.93 36.50
C TRP A 75 -15.98 21.13 35.80
N TRP A 76 -16.97 21.83 35.29
CA TRP A 76 -18.09 21.19 34.60
C TRP A 76 -17.66 20.47 33.34
N LEU A 77 -16.91 21.16 32.50
CA LEU A 77 -16.44 20.58 31.25
C LEU A 77 -15.68 19.28 31.49
N LYS A 78 -14.88 19.27 32.55
CA LYS A 78 -14.07 18.11 32.89
C LYS A 78 -14.88 16.95 33.47
N THR A 79 -15.62 17.21 34.55
CA THR A 79 -16.39 16.15 35.19
C THR A 79 -17.58 15.66 34.35
N ALA A 80 -18.19 16.58 33.60
CA ALA A 80 -19.34 16.23 32.76
C ALA A 80 -18.99 15.54 31.44
N TYR A 81 -17.89 15.93 30.82
CA TYR A 81 -17.52 15.34 29.54
C TYR A 81 -16.11 14.76 29.42
N LEU A 82 -15.11 15.62 29.60
CA LEU A 82 -13.70 15.23 29.46
C LEU A 82 -13.25 14.06 30.32
N GLN A 83 -13.85 13.90 31.49
CA GLN A 83 -13.51 12.79 32.38
C GLN A 83 -14.55 11.69 32.32
N PHE A 84 -15.55 11.85 31.44
CA PHE A 84 -16.57 10.83 31.27
C PHE A 84 -15.95 9.84 30.29
N ARG A 85 -15.59 8.67 30.81
CA ARG A 85 -14.92 7.65 30.00
C ARG A 85 -15.81 6.76 29.15
N GLN A 86 -17.10 6.76 29.40
CA GLN A 86 -18.00 5.94 28.60
C GLN A 86 -17.95 6.49 27.16
N PRO A 87 -18.32 5.66 26.18
CA PRO A 87 -18.31 6.11 24.80
C PRO A 87 -19.17 7.36 24.64
N VAL A 88 -18.78 8.26 23.75
CA VAL A 88 -19.58 9.47 23.55
C VAL A 88 -20.85 9.09 22.81
N VAL A 89 -20.77 8.02 22.01
CA VAL A 89 -21.92 7.57 21.26
C VAL A 89 -23.05 7.15 22.21
N ILE A 90 -24.25 7.64 21.93
CA ILE A 90 -25.45 7.33 22.72
C ILE A 90 -25.41 7.90 24.14
N TYR A 91 -24.31 7.68 24.84
CA TYR A 91 -24.18 8.14 26.21
C TYR A 91 -23.88 9.62 26.39
N SER A 92 -23.37 10.27 25.34
CA SER A 92 -23.01 11.68 25.44
C SER A 92 -23.40 12.58 24.26
N SER A 93 -22.97 12.20 23.04
CA SER A 93 -23.27 12.99 21.85
C SER A 93 -24.75 12.92 21.47
N PRO A 94 -25.49 14.03 21.62
CA PRO A 94 -26.91 14.00 21.28
C PRO A 94 -27.16 13.82 19.79
N GLY A 95 -28.29 13.18 19.47
CA GLY A 95 -28.67 12.95 18.08
C GLY A 95 -29.81 13.89 17.71
N VAL A 96 -29.91 14.23 16.44
CA VAL A 96 -30.93 15.14 15.96
C VAL A 96 -31.55 14.61 14.66
N ILE A 97 -32.88 14.65 14.59
CA ILE A 97 -33.58 14.22 13.37
C ILE A 97 -34.23 15.47 12.78
N LEU A 98 -33.85 15.82 11.56
CA LEU A 98 -34.40 16.98 10.89
C LEU A 98 -35.53 16.51 9.98
N PRO A 99 -36.35 17.45 9.47
CA PRO A 99 -37.46 17.10 8.57
C PRO A 99 -36.94 16.37 7.34
N LYS A 100 -37.55 15.23 7.03
CA LYS A 100 -37.16 14.44 5.87
C LYS A 100 -37.25 15.29 4.60
N GLN A 101 -36.24 15.21 3.74
CA GLN A 101 -36.22 15.98 2.50
C GLN A 101 -36.92 15.23 1.37
N ASP A 102 -37.24 15.95 0.29
CA ASP A 102 -37.94 15.35 -0.84
C ASP A 102 -37.13 14.77 -1.99
N PHE A 103 -35.79 14.84 -1.93
CA PHE A 103 -35.01 14.29 -3.04
C PHE A 103 -35.31 12.81 -3.23
N VAL A 104 -35.39 12.38 -4.49
CA VAL A 104 -35.70 10.99 -4.81
C VAL A 104 -34.58 10.21 -5.52
N ASP A 105 -33.45 10.87 -5.77
CA ASP A 105 -32.32 10.20 -6.41
C ASP A 105 -31.00 10.77 -5.92
N LEU A 106 -29.90 10.17 -6.36
CA LEU A 106 -28.57 10.61 -5.95
C LEU A 106 -28.32 12.10 -6.17
N GLN A 107 -28.71 12.62 -7.33
CA GLN A 107 -28.51 14.03 -7.62
C GLN A 107 -29.20 14.90 -6.57
N GLY A 108 -30.36 14.45 -6.13
CA GLY A 108 -31.10 15.19 -5.13
C GLY A 108 -30.41 15.14 -3.78
N GLN A 109 -29.97 13.95 -3.38
CA GLN A 109 -29.28 13.77 -2.11
C GLN A 109 -28.11 14.75 -2.04
N LEU A 110 -27.27 14.73 -3.06
CA LEU A 110 -26.12 15.62 -3.12
C LEU A 110 -26.56 17.07 -3.26
N ARG A 111 -27.67 17.27 -3.94
CA ARG A 111 -28.19 18.61 -4.15
C ARG A 111 -28.50 19.25 -2.79
N PHE A 112 -29.17 18.49 -1.93
CA PHE A 112 -29.51 18.99 -0.60
C PHE A 112 -28.24 19.11 0.24
N ALA A 113 -27.34 18.15 0.09
CA ALA A 113 -26.09 18.16 0.84
C ALA A 113 -25.29 19.40 0.48
N ALA A 114 -25.21 19.71 -0.82
CA ALA A 114 -24.48 20.88 -1.28
C ALA A 114 -25.12 22.15 -0.69
N LYS A 115 -26.45 22.19 -0.68
CA LYS A 115 -27.19 23.33 -0.14
C LYS A 115 -26.94 23.46 1.36
N LEU A 116 -27.02 22.33 2.06
CA LEU A 116 -26.80 22.30 3.50
C LEU A 116 -25.41 22.83 3.84
N ILE A 117 -24.42 22.35 3.11
CA ILE A 117 -23.03 22.76 3.30
C ILE A 117 -22.92 24.27 3.16
N GLU A 118 -23.51 24.80 2.08
CA GLU A 118 -23.47 26.23 1.84
C GLU A 118 -24.18 26.99 2.96
N GLY A 119 -25.28 26.43 3.46
CA GLY A 119 -26.02 27.08 4.53
C GLY A 119 -25.19 27.16 5.80
N VAL A 120 -24.32 26.18 6.00
CA VAL A 120 -23.48 26.19 7.19
C VAL A 120 -22.41 27.26 7.03
N LEU A 121 -21.88 27.40 5.82
CA LEU A 121 -20.86 28.42 5.56
C LEU A 121 -21.43 29.82 5.70
N ASP A 122 -22.72 29.97 5.40
CA ASP A 122 -23.38 31.26 5.51
C ASP A 122 -23.52 31.64 6.98
N PHE A 123 -23.88 30.66 7.80
CA PHE A 123 -24.02 30.88 9.23
C PHE A 123 -22.64 31.14 9.81
N LYS A 124 -21.65 30.43 9.28
CA LYS A 124 -20.27 30.58 9.74
C LYS A 124 -19.72 31.97 9.46
N SER A 125 -20.29 32.65 8.45
CA SER A 125 -19.81 33.99 8.12
C SER A 125 -20.11 34.97 9.26
N MET A 126 -21.21 34.72 9.97
CA MET A 126 -21.60 35.57 11.08
C MET A 126 -20.69 35.32 12.28
N ILE A 127 -20.12 34.11 12.34
CA ILE A 127 -19.23 33.75 13.42
C ILE A 127 -17.86 34.38 13.21
N ASP A 128 -17.31 34.18 12.03
CA ASP A 128 -15.99 34.74 11.71
C ASP A 128 -15.99 36.26 11.77
N ASN A 129 -17.14 36.87 11.54
CA ASN A 129 -17.24 38.33 11.59
C ASN A 129 -17.86 38.85 12.87
N GLU A 130 -18.16 37.94 13.80
CA GLU A 130 -18.74 38.33 15.08
C GLU A 130 -19.98 39.19 14.92
N THR A 131 -20.75 38.94 13.88
CA THR A 131 -21.96 39.70 13.61
C THR A 131 -23.21 38.91 13.97
N LEU A 132 -23.01 37.76 14.59
CA LEU A 132 -24.13 36.90 14.99
C LEU A 132 -25.02 37.65 15.97
N PRO A 133 -26.33 37.69 15.72
CA PRO A 133 -27.31 38.37 16.57
C PRO A 133 -27.27 37.94 18.03
N VAL A 134 -27.50 38.89 18.92
CA VAL A 134 -27.50 38.61 20.35
C VAL A 134 -28.80 37.91 20.73
N GLU A 135 -28.73 36.98 21.67
CA GLU A 135 -29.93 36.26 22.11
C GLU A 135 -30.29 36.60 23.54
N PHE A 136 -31.56 36.39 23.89
CA PHE A 136 -32.06 36.67 25.22
C PHE A 136 -32.80 35.45 25.74
N LEU A 137 -33.01 35.40 27.05
CA LEU A 137 -33.73 34.28 27.65
C LEU A 137 -34.69 34.80 28.72
N GLY A 138 -34.14 35.21 29.86
CA GLY A 138 -35.00 35.74 30.90
C GLY A 138 -35.11 37.24 30.73
N GLY A 139 -34.88 37.68 29.49
CA GLY A 139 -34.91 39.10 29.19
C GLY A 139 -33.51 39.65 29.37
N GLN A 140 -32.54 38.74 29.41
CA GLN A 140 -31.14 39.11 29.59
C GLN A 140 -30.28 38.65 28.43
N PRO A 141 -29.22 39.41 28.10
CA PRO A 141 -28.33 39.05 26.99
C PRO A 141 -27.76 37.66 27.30
N LEU A 142 -27.41 36.92 26.25
CA LEU A 142 -26.88 35.58 26.45
C LEU A 142 -25.47 35.39 25.92
N CYS A 143 -24.71 34.56 26.63
CA CYS A 143 -23.35 34.23 26.25
C CYS A 143 -23.38 33.60 24.86
N MET A 144 -22.42 33.98 24.02
CA MET A 144 -22.33 33.47 22.66
C MET A 144 -21.06 32.65 22.44
N ASN A 145 -20.35 32.40 23.53
CA ASN A 145 -19.11 31.64 23.45
C ASN A 145 -19.27 30.27 22.83
N GLN A 146 -20.40 29.62 23.05
CA GLN A 146 -20.61 28.29 22.49
C GLN A 146 -20.50 28.27 20.97
N TYR A 147 -21.01 29.32 20.32
CA TYR A 147 -20.95 29.41 18.87
C TYR A 147 -19.52 29.35 18.32
N TYR A 148 -18.54 29.74 19.14
CA TYR A 148 -17.15 29.71 18.72
C TYR A 148 -16.44 28.44 19.17
N GLN A 149 -17.22 27.39 19.41
CA GLN A 149 -16.65 26.12 19.84
C GLN A 149 -17.11 24.99 18.93
N ILE A 150 -18.24 25.21 18.25
CA ILE A 150 -18.84 24.21 17.38
C ILE A 150 -18.18 23.89 16.04
N LEU A 151 -17.68 24.91 15.35
CA LEU A 151 -17.05 24.73 14.05
C LEU A 151 -15.54 24.54 14.11
N SER A 152 -15.01 23.82 13.12
CA SER A 152 -13.58 23.57 13.03
C SER A 152 -12.99 23.04 14.33
N SER A 153 -13.80 22.32 15.09
CA SER A 153 -13.33 21.75 16.34
C SER A 153 -13.47 20.24 16.33
N CYS A 154 -12.88 19.60 17.34
CA CYS A 154 -12.93 18.16 17.43
C CYS A 154 -12.44 17.69 18.79
N ARG A 155 -13.05 16.64 19.29
CA ARG A 155 -12.63 16.08 20.56
C ARG A 155 -11.42 15.20 20.28
N VAL A 156 -10.57 15.03 21.28
CA VAL A 156 -9.36 14.23 21.14
C VAL A 156 -9.24 13.22 22.27
N PRO A 157 -9.08 11.93 21.92
CA PRO A 157 -8.95 10.82 22.88
C PRO A 157 -7.74 11.04 23.80
N GLY A 158 -7.92 10.87 25.10
CA GLY A 158 -6.82 11.02 26.03
C GLY A 158 -6.74 9.78 26.91
N PRO A 159 -5.54 9.33 27.28
CA PRO A 159 -5.41 8.13 28.13
C PRO A 159 -6.12 8.24 29.48
N LYS A 160 -6.07 9.43 30.08
CA LYS A 160 -6.69 9.65 31.38
C LYS A 160 -7.97 10.46 31.19
N GLN A 161 -7.87 11.53 30.41
CA GLN A 161 -9.04 12.37 30.14
C GLN A 161 -8.89 12.91 28.72
N ASP A 162 -10.02 13.25 28.09
CA ASP A 162 -9.99 13.75 26.73
C ASP A 162 -9.70 15.25 26.66
N SER A 163 -9.38 15.73 25.47
CA SER A 163 -9.12 17.14 25.27
C SER A 163 -9.90 17.59 24.06
N VAL A 164 -9.94 18.90 23.84
CA VAL A 164 -10.64 19.45 22.70
C VAL A 164 -9.76 20.44 21.96
N VAL A 165 -9.73 20.31 20.64
CA VAL A 165 -8.95 21.20 19.81
C VAL A 165 -9.90 22.13 19.05
N ASN A 166 -9.53 23.40 18.96
CA ASN A 166 -10.34 24.39 18.26
C ASN A 166 -9.43 25.18 17.32
N PHE A 167 -9.70 25.08 16.02
CA PHE A 167 -8.89 25.77 15.03
C PHE A 167 -9.56 26.98 14.38
N LEU A 168 -10.78 27.29 14.83
CA LEU A 168 -11.53 28.41 14.28
C LEU A 168 -10.70 29.68 14.20
N LYS A 169 -9.98 29.99 15.27
CA LYS A 169 -9.16 31.20 15.32
C LYS A 169 -7.66 30.91 15.25
N SER A 170 -7.27 29.87 14.51
CA SER A 170 -5.87 29.53 14.37
C SER A 170 -5.20 30.45 13.34
N LYS A 171 -3.86 30.42 13.30
CA LYS A 171 -3.10 31.25 12.36
C LYS A 171 -3.75 31.25 10.99
N ARG A 172 -4.01 30.06 10.46
CA ARG A 172 -4.63 29.89 9.16
C ARG A 172 -5.84 28.97 9.33
N PRO A 173 -7.00 29.54 9.68
CA PRO A 173 -8.23 28.79 9.89
C PRO A 173 -8.53 27.82 8.75
N PRO A 174 -9.07 26.64 9.08
CA PRO A 174 -9.40 25.63 8.08
C PRO A 174 -10.44 26.14 7.09
N THR A 175 -10.25 25.79 5.82
CA THR A 175 -11.18 26.22 4.79
C THR A 175 -11.78 24.98 4.14
N HIS A 176 -11.61 23.83 4.79
CA HIS A 176 -12.11 22.59 4.24
C HIS A 176 -13.01 21.82 5.21
N ILE A 177 -13.94 21.06 4.64
CA ILE A 177 -14.81 20.23 5.46
C ILE A 177 -14.44 18.80 5.11
N THR A 178 -14.97 17.84 5.86
CA THR A 178 -14.70 16.45 5.56
C THR A 178 -16.02 15.80 5.15
N VAL A 179 -15.95 14.93 4.16
CA VAL A 179 -17.12 14.24 3.66
C VAL A 179 -16.87 12.74 3.75
N VAL A 180 -17.80 12.03 4.39
CA VAL A 180 -17.66 10.58 4.55
C VAL A 180 -18.69 9.83 3.71
N HIS A 181 -18.22 8.88 2.90
CA HIS A 181 -19.11 8.09 2.06
C HIS A 181 -18.54 6.66 2.03
N ASN A 182 -19.38 5.70 2.39
CA ASN A 182 -18.95 4.30 2.44
C ASN A 182 -17.68 4.13 3.26
N TYR A 183 -17.65 4.78 4.42
CA TYR A 183 -16.52 4.69 5.34
C TYR A 183 -15.26 5.43 4.89
N GLN A 184 -15.32 6.06 3.72
CA GLN A 184 -14.17 6.79 3.19
C GLN A 184 -14.29 8.29 3.40
N PHE A 185 -13.28 8.88 4.01
CA PHE A 185 -13.26 10.32 4.27
C PHE A 185 -12.53 11.09 3.18
N PHE A 186 -13.03 12.28 2.87
CA PHE A 186 -12.43 13.13 1.86
C PHE A 186 -12.28 14.57 2.38
N GLU A 187 -11.18 15.20 2.02
CA GLU A 187 -10.90 16.58 2.41
C GLU A 187 -11.45 17.50 1.33
N LEU A 188 -12.53 18.20 1.63
CA LEU A 188 -13.17 19.09 0.66
C LEU A 188 -13.08 20.57 0.99
N ASP A 189 -12.38 21.33 0.15
CA ASP A 189 -12.26 22.77 0.33
C ASP A 189 -13.55 23.44 -0.09
N VAL A 190 -14.10 24.26 0.80
CA VAL A 190 -15.35 24.97 0.52
C VAL A 190 -15.15 26.46 0.32
N TYR A 191 -13.90 26.85 0.10
CA TYR A 191 -13.54 28.25 -0.11
C TYR A 191 -12.57 28.37 -1.30
N HIS A 192 -12.68 29.46 -2.04
CA HIS A 192 -11.82 29.72 -3.17
C HIS A 192 -10.55 30.43 -2.71
N SER A 193 -9.58 30.53 -3.61
CA SER A 193 -8.31 31.18 -3.31
C SER A 193 -8.51 32.62 -2.80
N ASP A 194 -9.35 33.38 -3.47
CA ASP A 194 -9.60 34.76 -3.08
C ASP A 194 -10.13 34.84 -1.65
N GLY A 195 -10.75 33.76 -1.20
CA GLY A 195 -11.29 33.72 0.15
C GLY A 195 -12.81 33.68 0.19
N THR A 196 -13.42 33.49 -0.97
CA THR A 196 -14.88 33.42 -1.04
C THR A 196 -15.35 31.97 -0.99
N PRO A 197 -16.53 31.73 -0.44
CA PRO A 197 -17.10 30.37 -0.33
C PRO A 197 -17.61 29.83 -1.65
N LEU A 198 -17.51 28.51 -1.82
CA LEU A 198 -18.00 27.89 -3.04
C LEU A 198 -19.52 27.97 -3.05
N THR A 199 -20.09 27.90 -4.26
CA THR A 199 -21.53 27.96 -4.45
C THR A 199 -22.13 26.58 -4.26
N SER A 200 -23.46 26.53 -4.13
CA SER A 200 -24.16 25.27 -3.95
C SER A 200 -23.89 24.35 -5.15
N ASP A 201 -23.87 24.91 -6.35
CA ASP A 201 -23.61 24.12 -7.56
C ASP A 201 -22.18 23.58 -7.54
N GLN A 202 -21.24 24.43 -7.11
CA GLN A 202 -19.84 24.06 -7.03
C GLN A 202 -19.63 22.92 -6.05
N ILE A 203 -20.14 23.08 -4.84
CA ILE A 203 -20.01 22.05 -3.82
C ILE A 203 -20.59 20.74 -4.35
N PHE A 204 -21.70 20.84 -5.07
CA PHE A 204 -22.37 19.69 -5.66
C PHE A 204 -21.42 18.92 -6.59
N VAL A 205 -20.76 19.67 -7.47
CA VAL A 205 -19.81 19.09 -8.42
C VAL A 205 -18.76 18.28 -7.67
N GLN A 206 -18.22 18.86 -6.61
CA GLN A 206 -17.21 18.20 -5.80
C GLN A 206 -17.78 16.96 -5.12
N LEU A 207 -19.02 17.05 -4.65
CA LEU A 207 -19.65 15.91 -3.99
C LEU A 207 -19.75 14.72 -4.94
N GLU A 208 -19.96 15.01 -6.22
CA GLU A 208 -20.06 13.95 -7.23
C GLU A 208 -18.74 13.20 -7.35
N LYS A 209 -17.64 13.95 -7.42
CA LYS A 209 -16.32 13.36 -7.53
C LYS A 209 -16.08 12.48 -6.31
N ILE A 210 -16.37 13.04 -5.14
CA ILE A 210 -16.20 12.33 -3.88
C ILE A 210 -17.00 11.03 -3.87
N TRP A 211 -18.26 11.11 -4.31
CA TRP A 211 -19.12 9.94 -4.35
C TRP A 211 -18.60 8.84 -5.28
N ASN A 212 -18.15 9.23 -6.46
CA ASN A 212 -17.63 8.26 -7.43
C ASN A 212 -16.27 7.72 -7.01
N SER A 213 -15.68 8.32 -5.99
CA SER A 213 -14.38 7.89 -5.49
C SER A 213 -14.54 6.92 -4.33
N SER A 214 -15.77 6.51 -4.06
CA SER A 214 -16.06 5.60 -2.96
C SER A 214 -17.39 4.92 -3.20
N LEU A 215 -17.49 4.22 -4.33
CA LEU A 215 -18.71 3.53 -4.72
C LEU A 215 -18.92 2.19 -4.03
N GLN A 216 -17.93 1.75 -3.26
CA GLN A 216 -18.04 0.48 -2.57
C GLN A 216 -17.48 0.58 -1.15
N SER A 217 -18.00 -0.24 -0.25
CA SER A 217 -17.56 -0.25 1.14
C SER A 217 -16.50 -1.31 1.33
N ASN A 218 -15.47 -1.26 0.49
CA ASN A 218 -14.37 -2.22 0.56
C ASN A 218 -13.24 -1.68 1.42
N LYS A 219 -13.50 -0.57 2.11
CA LYS A 219 -12.50 0.02 2.99
C LYS A 219 -12.88 -0.24 4.45
N GLU A 220 -11.90 -0.51 5.29
CA GLU A 220 -12.18 -0.76 6.70
C GLU A 220 -12.84 0.47 7.31
N PRO A 221 -13.88 0.26 8.14
CA PRO A 221 -14.60 1.36 8.79
C PRO A 221 -13.83 1.91 9.99
N VAL A 222 -12.66 2.47 9.71
CA VAL A 222 -11.80 3.05 10.75
C VAL A 222 -12.54 4.00 11.68
N GLY A 223 -13.41 4.82 11.11
CA GLY A 223 -14.16 5.78 11.89
C GLY A 223 -14.96 5.16 13.03
N ILE A 224 -15.30 3.88 12.90
CA ILE A 224 -16.07 3.22 13.94
C ILE A 224 -15.30 3.17 15.26
N LEU A 225 -13.98 3.29 15.17
CA LEU A 225 -13.12 3.27 16.37
C LEU A 225 -13.51 4.36 17.37
N THR A 226 -14.01 5.47 16.84
CA THR A 226 -14.41 6.62 17.66
C THR A 226 -15.65 6.37 18.51
N SER A 227 -16.26 5.19 18.38
CA SER A 227 -17.47 4.91 19.17
C SER A 227 -17.17 4.01 20.35
N ASN A 228 -15.92 3.60 20.50
CA ASN A 228 -15.55 2.72 21.60
C ASN A 228 -15.36 3.51 22.89
N HIS A 229 -14.99 2.79 23.96
CA HIS A 229 -14.76 3.39 25.26
C HIS A 229 -13.66 4.44 25.10
N ARG A 230 -13.75 5.54 25.83
CA ARG A 230 -12.74 6.59 25.70
C ARG A 230 -11.32 6.11 26.01
N ASN A 231 -11.20 5.19 26.96
CA ASN A 231 -9.89 4.67 27.32
C ASN A 231 -9.34 3.79 26.21
N THR A 232 -10.21 2.94 25.66
CA THR A 232 -9.82 2.04 24.59
C THR A 232 -9.53 2.82 23.32
N TRP A 233 -10.40 3.77 23.01
CA TRP A 233 -10.23 4.61 21.82
C TRP A 233 -8.92 5.41 21.93
N ALA A 234 -8.61 5.88 23.14
CA ALA A 234 -7.38 6.64 23.36
C ALA A 234 -6.17 5.85 22.90
N LYS A 235 -6.11 4.58 23.32
CA LYS A 235 -4.99 3.71 22.94
C LYS A 235 -5.02 3.33 21.46
N ALA A 236 -6.20 3.02 20.93
CA ALA A 236 -6.32 2.65 19.53
C ALA A 236 -5.95 3.86 18.67
N TYR A 237 -6.34 5.05 19.14
CA TYR A 237 -6.06 6.29 18.44
C TYR A 237 -4.55 6.56 18.40
N ASN A 238 -3.91 6.38 19.54
CA ASN A 238 -2.47 6.61 19.66
C ASN A 238 -1.70 5.71 18.71
N ASN A 239 -2.25 4.52 18.44
CA ASN A 239 -1.61 3.57 17.53
C ASN A 239 -1.89 3.98 16.09
N LEU A 240 -3.16 4.27 15.81
CA LEU A 240 -3.61 4.67 14.48
C LEU A 240 -2.75 5.77 13.85
N ILE A 241 -2.54 6.86 14.58
CA ILE A 241 -1.77 7.97 14.05
C ILE A 241 -0.26 7.79 14.00
N LYS A 242 0.20 6.55 14.19
CA LYS A 242 1.63 6.28 14.15
C LYS A 242 2.12 6.25 12.70
N ASP A 243 1.19 6.18 11.77
CA ASP A 243 1.53 6.17 10.35
C ASP A 243 1.39 7.59 9.85
N LYS A 244 2.35 8.03 9.03
CA LYS A 244 2.33 9.39 8.49
C LYS A 244 0.99 9.70 7.82
N VAL A 245 0.61 8.88 6.85
CA VAL A 245 -0.64 9.06 6.13
C VAL A 245 -1.85 9.07 7.07
N ASN A 246 -1.89 8.12 7.99
CA ASN A 246 -2.99 8.04 8.94
C ASN A 246 -3.10 9.32 9.74
N ARG A 247 -1.99 9.75 10.34
CA ARG A 247 -2.00 10.97 11.12
C ARG A 247 -2.46 12.15 10.29
N GLU A 248 -2.01 12.18 9.03
CA GLU A 248 -2.39 13.27 8.14
C GLU A 248 -3.91 13.24 7.90
N SER A 249 -4.48 12.05 7.81
CA SER A 249 -5.92 11.91 7.59
C SER A 249 -6.71 12.35 8.81
N VAL A 250 -6.26 11.91 9.98
CA VAL A 250 -6.91 12.29 11.23
C VAL A 250 -6.85 13.80 11.40
N ASN A 251 -5.66 14.36 11.18
CA ASN A 251 -5.46 15.80 11.33
C ASN A 251 -6.45 16.60 10.49
N SER A 252 -6.65 16.18 9.24
CA SER A 252 -7.57 16.86 8.34
C SER A 252 -8.99 16.78 8.91
N ILE A 253 -9.37 15.59 9.34
CA ILE A 253 -10.69 15.37 9.90
C ILE A 253 -10.89 16.27 11.12
N GLN A 254 -9.89 16.28 12.01
CA GLN A 254 -9.97 17.09 13.22
C GLN A 254 -10.06 18.59 12.94
N LYS A 255 -9.37 19.06 11.90
CA LYS A 255 -9.39 20.48 11.59
C LYS A 255 -10.55 20.92 10.69
N SER A 256 -11.20 19.97 10.01
CA SER A 256 -12.31 20.32 9.12
C SER A 256 -13.39 21.13 9.85
N ILE A 257 -13.98 22.09 9.14
CA ILE A 257 -15.02 22.95 9.71
C ILE A 257 -16.15 22.12 10.30
N PHE A 258 -16.49 21.03 9.60
CA PHE A 258 -17.54 20.12 10.04
C PHE A 258 -17.54 18.93 9.10
N THR A 259 -18.25 17.88 9.45
CA THR A 259 -18.28 16.68 8.64
C THR A 259 -19.67 16.37 8.10
N VAL A 260 -19.73 15.96 6.84
CA VAL A 260 -20.99 15.59 6.22
C VAL A 260 -20.93 14.10 5.91
N CYS A 261 -21.93 13.37 6.39
CA CYS A 261 -22.00 11.91 6.18
C CYS A 261 -23.04 11.53 5.14
N LEU A 262 -22.59 11.00 4.00
CA LEU A 262 -23.50 10.56 2.95
C LEU A 262 -23.80 9.08 3.19
N ASP A 263 -24.81 8.81 4.03
CA ASP A 263 -25.18 7.45 4.37
C ASP A 263 -25.75 6.64 3.21
N LYS A 264 -25.72 5.33 3.35
CA LYS A 264 -26.24 4.46 2.30
C LYS A 264 -27.60 3.91 2.66
N GLN A 265 -28.24 3.27 1.68
CA GLN A 265 -29.56 2.70 1.82
C GLN A 265 -29.62 1.69 2.96
N VAL A 266 -30.67 1.79 3.78
CA VAL A 266 -30.86 0.89 4.90
C VAL A 266 -32.07 -0.03 4.64
N PRO A 267 -32.07 -1.23 5.26
CA PRO A 267 -33.16 -2.19 5.09
C PRO A 267 -34.51 -1.54 5.39
N ARG A 268 -35.40 -1.58 4.41
CA ARG A 268 -36.72 -0.98 4.56
C ARG A 268 -37.49 -1.69 5.67
N VAL A 269 -37.65 -1.00 6.80
CA VAL A 269 -38.35 -1.56 7.95
C VAL A 269 -39.79 -1.07 8.02
N SER A 270 -40.58 -1.67 8.91
CA SER A 270 -41.98 -1.30 9.07
C SER A 270 -42.12 0.18 9.44
N ASP A 271 -43.21 0.79 8.99
CA ASP A 271 -43.47 2.20 9.26
C ASP A 271 -43.64 2.51 10.74
N ASP A 272 -44.20 1.57 11.49
CA ASP A 272 -44.42 1.75 12.93
C ASP A 272 -43.12 1.86 13.73
N VAL A 273 -41.99 1.62 13.08
CA VAL A 273 -40.70 1.70 13.75
C VAL A 273 -39.70 2.51 12.95
N TYR A 274 -40.12 2.99 11.79
CA TYR A 274 -39.25 3.77 10.91
C TYR A 274 -38.58 4.91 11.66
N ARG A 275 -39.37 5.85 12.17
CA ARG A 275 -38.83 6.98 12.90
C ARG A 275 -37.82 6.58 13.97
N ASN A 276 -38.09 5.48 14.67
CA ASN A 276 -37.18 5.02 15.71
C ASN A 276 -35.83 4.62 15.12
N HIS A 277 -35.87 3.92 13.98
CA HIS A 277 -34.64 3.48 13.32
C HIS A 277 -33.85 4.66 12.79
N VAL A 278 -34.56 5.68 12.30
CA VAL A 278 -33.91 6.87 11.79
C VAL A 278 -33.20 7.56 12.95
N ALA A 279 -33.83 7.54 14.12
CA ALA A 279 -33.26 8.15 15.31
C ALA A 279 -31.96 7.44 15.66
N GLY A 280 -31.97 6.12 15.51
CA GLY A 280 -30.78 5.34 15.81
C GLY A 280 -29.70 5.62 14.79
N GLN A 281 -30.10 5.80 13.54
CA GLN A 281 -29.15 6.10 12.48
C GLN A 281 -28.40 7.40 12.79
N MET A 282 -29.11 8.38 13.33
CA MET A 282 -28.51 9.67 13.65
C MET A 282 -27.72 9.67 14.95
N LEU A 283 -28.15 8.84 15.91
CA LEU A 283 -27.49 8.75 17.20
C LEU A 283 -26.22 7.88 17.16
N HIS A 284 -26.30 6.69 16.58
CA HIS A 284 -25.15 5.80 16.52
C HIS A 284 -24.78 5.28 15.12
N GLY A 285 -25.71 5.36 14.19
CA GLY A 285 -25.42 4.90 12.84
C GLY A 285 -26.06 3.58 12.44
N GLY A 286 -26.81 2.98 13.36
CA GLY A 286 -27.47 1.73 13.06
C GLY A 286 -26.65 0.49 13.37
N GLY A 287 -25.35 0.57 13.12
CA GLY A 287 -24.47 -0.56 13.38
C GLY A 287 -23.30 -0.60 12.42
N SER A 288 -22.35 -1.49 12.68
CA SER A 288 -21.17 -1.62 11.84
C SER A 288 -21.49 -2.04 10.41
N LYS A 289 -22.61 -2.73 10.24
CA LYS A 289 -23.01 -3.18 8.92
C LYS A 289 -23.83 -2.12 8.18
N PHE A 290 -24.13 -1.03 8.86
CA PHE A 290 -24.92 0.03 8.24
C PHE A 290 -24.18 1.34 8.00
N ASN A 291 -24.36 2.32 8.87
CA ASN A 291 -23.70 3.62 8.69
C ASN A 291 -22.81 4.05 9.85
N SER A 292 -22.71 3.23 10.89
CA SER A 292 -21.89 3.56 12.05
C SER A 292 -20.42 3.78 11.67
N GLY A 293 -19.97 3.10 10.62
CA GLY A 293 -18.59 3.26 10.18
C GLY A 293 -18.40 4.49 9.32
N ASN A 294 -19.52 5.10 8.90
CA ASN A 294 -19.50 6.30 8.06
C ASN A 294 -19.65 7.55 8.94
N ARG A 295 -18.85 7.58 10.01
CA ARG A 295 -18.87 8.66 10.98
C ARG A 295 -17.50 8.88 11.64
N TRP A 296 -17.45 9.87 12.53
CA TRP A 296 -16.25 10.21 13.28
C TRP A 296 -16.84 10.97 14.46
N PHE A 297 -17.22 10.24 15.50
CA PHE A 297 -17.88 10.82 16.67
C PHE A 297 -17.09 11.80 17.54
N ASP A 298 -15.81 12.00 17.23
CA ASP A 298 -15.01 12.94 17.99
C ASP A 298 -15.31 14.34 17.43
N LYS A 299 -15.67 14.38 16.14
CA LYS A 299 -15.98 15.65 15.47
C LYS A 299 -17.17 16.34 16.11
N THR A 300 -17.00 17.62 16.38
CA THR A 300 -18.06 18.37 17.03
C THR A 300 -19.37 18.41 16.25
N LEU A 301 -19.29 18.78 14.98
CA LEU A 301 -20.50 18.87 14.16
C LEU A 301 -20.54 17.85 13.03
N GLN A 302 -21.49 16.92 13.12
CA GLN A 302 -21.65 15.90 12.07
C GLN A 302 -23.04 16.00 11.47
N PHE A 303 -23.11 16.31 10.17
CA PHE A 303 -24.39 16.40 9.49
C PHE A 303 -24.55 15.12 8.69
N ILE A 304 -25.74 14.53 8.78
CA ILE A 304 -26.04 13.27 8.10
C ILE A 304 -27.12 13.40 7.03
N VAL A 305 -26.83 12.89 5.83
CA VAL A 305 -27.80 12.94 4.74
C VAL A 305 -28.06 11.52 4.26
N ALA A 306 -29.20 10.96 4.66
CA ALA A 306 -29.55 9.60 4.27
C ALA A 306 -29.94 9.49 2.80
N GLU A 307 -29.90 8.27 2.29
CA GLU A 307 -30.23 8.00 0.89
C GLU A 307 -31.74 8.04 0.61
N ASP A 308 -32.55 7.80 1.64
CA ASP A 308 -34.00 7.79 1.48
C ASP A 308 -34.68 9.14 1.74
N GLY A 309 -33.89 10.21 1.79
CA GLY A 309 -34.45 11.53 2.03
C GLY A 309 -34.32 11.97 3.48
N SER A 310 -34.09 11.01 4.36
CA SER A 310 -33.95 11.29 5.78
C SER A 310 -32.63 12.01 6.07
N CYS A 311 -32.64 12.91 7.04
CA CYS A 311 -31.42 13.63 7.40
C CYS A 311 -31.42 14.08 8.86
N GLY A 312 -30.25 14.44 9.36
CA GLY A 312 -30.13 14.85 10.74
C GLY A 312 -28.70 15.13 11.12
N MET A 313 -28.36 14.91 12.38
CA MET A 313 -27.00 15.16 12.84
C MET A 313 -26.76 14.67 14.24
N VAL A 314 -25.49 14.61 14.61
CA VAL A 314 -25.07 14.19 15.93
C VAL A 314 -23.88 15.08 16.24
N TYR A 315 -23.88 15.71 17.43
CA TYR A 315 -22.80 16.60 17.80
C TYR A 315 -22.13 16.21 19.10
N GLU A 316 -20.84 16.50 19.19
CA GLU A 316 -20.06 16.19 20.39
C GLU A 316 -20.44 17.22 21.47
N HIS A 317 -21.05 16.72 22.54
CA HIS A 317 -21.57 17.55 23.64
C HIS A 317 -20.60 18.46 24.41
N ALA A 318 -19.31 18.19 24.35
CA ALA A 318 -18.37 19.02 25.09
C ALA A 318 -18.37 20.46 24.59
N ALA A 319 -18.57 20.65 23.29
CA ALA A 319 -18.58 21.97 22.68
C ALA A 319 -19.73 22.88 23.10
N ALA A 320 -20.95 22.33 23.19
CA ALA A 320 -22.08 23.16 23.54
C ALA A 320 -23.35 22.41 23.87
N GLU A 321 -24.41 23.17 24.16
CA GLU A 321 -25.71 22.58 24.45
C GLU A 321 -26.55 22.61 23.19
N GLY A 322 -27.83 22.24 23.34
CA GLY A 322 -28.73 22.19 22.19
C GLY A 322 -29.12 23.50 21.54
N PRO A 323 -29.53 24.52 22.32
CA PRO A 323 -29.93 25.80 21.74
C PRO A 323 -29.00 26.33 20.63
N PRO A 324 -27.70 26.46 20.91
CA PRO A 324 -26.76 26.96 19.90
C PRO A 324 -26.77 26.09 18.64
N ILE A 325 -26.87 24.77 18.85
CA ILE A 325 -26.89 23.82 17.74
C ILE A 325 -28.13 24.02 16.87
N VAL A 326 -29.30 24.13 17.50
CA VAL A 326 -30.54 24.31 16.75
C VAL A 326 -30.63 25.65 16.05
N ALA A 327 -30.02 26.68 16.63
CA ALA A 327 -30.06 28.00 16.00
C ALA A 327 -29.36 27.84 14.65
N LEU A 328 -28.27 27.07 14.66
CA LEU A 328 -27.53 26.81 13.43
C LEU A 328 -28.39 25.98 12.48
N VAL A 329 -29.13 25.02 13.03
CA VAL A 329 -30.02 24.17 12.24
C VAL A 329 -31.10 25.02 11.54
N ASP A 330 -31.80 25.81 12.33
CA ASP A 330 -32.86 26.66 11.81
C ASP A 330 -32.38 27.54 10.66
N HIS A 331 -31.18 28.08 10.80
CA HIS A 331 -30.62 28.93 9.76
C HIS A 331 -30.35 28.13 8.48
N VAL A 332 -29.68 27.00 8.63
CA VAL A 332 -29.34 26.13 7.52
C VAL A 332 -30.58 25.63 6.77
N MET A 333 -31.55 25.11 7.51
CA MET A 333 -32.77 24.61 6.90
C MET A 333 -33.47 25.71 6.13
N GLU A 334 -33.65 26.85 6.78
CA GLU A 334 -34.31 28.00 6.18
C GLU A 334 -33.53 28.44 4.94
N TYR A 335 -32.23 28.15 4.93
CA TYR A 335 -31.38 28.50 3.81
C TYR A 335 -31.57 27.53 2.66
N THR A 336 -31.80 26.26 3.00
CA THR A 336 -31.99 25.23 1.97
C THR A 336 -33.31 25.44 1.24
N LYS A 337 -34.13 26.34 1.77
CA LYS A 337 -35.42 26.64 1.17
C LYS A 337 -35.35 27.93 0.37
N LYS A 338 -34.14 28.42 0.11
CA LYS A 338 -33.97 29.64 -0.65
C LYS A 338 -33.97 29.33 -2.15
N PRO A 339 -34.84 29.99 -2.91
CA PRO A 339 -34.93 29.78 -4.36
C PRO A 339 -33.59 30.00 -5.04
N GLU A 340 -33.16 28.99 -5.80
CA GLU A 340 -31.90 29.05 -6.52
C GLU A 340 -31.87 30.26 -7.44
N LEU A 341 -30.94 31.18 -7.21
CA LEU A 341 -30.82 32.38 -8.03
C LEU A 341 -30.32 32.03 -9.43
N VAL A 342 -29.98 33.06 -10.21
CA VAL A 342 -29.48 32.87 -11.57
C VAL A 342 -28.24 31.98 -11.58
N ARG A 343 -28.40 30.77 -12.12
CA ARG A 343 -27.30 29.81 -12.21
C ARG A 343 -26.17 30.32 -13.10
N SER A 344 -25.01 30.54 -12.49
CA SER A 344 -23.84 31.04 -13.21
C SER A 344 -22.86 29.91 -13.50
N PRO A 345 -22.08 30.03 -14.60
CA PRO A 345 -21.10 29.01 -14.97
C PRO A 345 -19.94 28.93 -13.97
N MET A 346 -19.44 27.73 -13.75
CA MET A 346 -18.33 27.53 -12.81
C MET A 346 -17.18 26.75 -13.43
N VAL A 347 -16.00 27.37 -13.41
CA VAL A 347 -14.80 26.77 -13.96
C VAL A 347 -14.40 25.50 -13.21
N PRO A 348 -13.60 24.64 -13.86
CA PRO A 348 -13.15 23.38 -13.26
C PRO A 348 -12.63 23.57 -11.83
N LEU A 349 -12.88 22.56 -11.00
CA LEU A 349 -12.46 22.57 -9.61
C LEU A 349 -11.49 21.41 -9.36
N PRO A 350 -10.66 21.53 -8.32
CA PRO A 350 -9.71 20.48 -7.98
C PRO A 350 -10.39 19.21 -7.46
N MET A 351 -9.71 18.08 -7.61
CA MET A 351 -10.23 16.80 -7.15
C MET A 351 -10.09 16.72 -5.63
N PRO A 352 -11.21 16.53 -4.91
CA PRO A 352 -11.16 16.44 -3.46
C PRO A 352 -10.15 15.38 -3.02
N LYS A 353 -9.27 15.74 -2.08
CA LYS A 353 -8.25 14.81 -1.60
C LYS A 353 -8.87 13.67 -0.81
N LYS A 354 -8.40 12.46 -1.08
CA LYS A 354 -8.91 11.28 -0.38
C LYS A 354 -8.04 11.03 0.85
N LEU A 355 -8.70 10.97 2.02
CA LEU A 355 -7.99 10.74 3.26
C LEU A 355 -7.83 9.25 3.50
N ARG A 356 -6.84 8.67 2.85
CA ARG A 356 -6.57 7.24 2.95
C ARG A 356 -6.15 6.81 4.36
N PHE A 357 -6.23 5.51 4.61
CA PHE A 357 -5.87 4.92 5.89
C PHE A 357 -5.11 3.62 5.67
N ASN A 358 -3.95 3.50 6.29
CA ASN A 358 -3.15 2.29 6.16
C ASN A 358 -3.54 1.34 7.29
N ILE A 359 -4.23 0.28 6.93
CA ILE A 359 -4.68 -0.69 7.92
C ILE A 359 -3.63 -1.76 8.19
N THR A 360 -3.48 -2.08 9.47
CA THR A 360 -2.52 -3.09 9.88
C THR A 360 -3.29 -4.12 10.70
N PRO A 361 -2.66 -5.26 10.98
CA PRO A 361 -3.34 -6.28 11.78
C PRO A 361 -3.84 -5.72 13.12
N GLU A 362 -3.00 -4.91 13.76
CA GLU A 362 -3.35 -4.33 15.05
C GLU A 362 -4.57 -3.42 14.95
N ILE A 363 -4.54 -2.52 13.96
CA ILE A 363 -5.64 -1.59 13.73
C ILE A 363 -6.90 -2.39 13.39
N LYS A 364 -6.73 -3.38 12.53
CA LYS A 364 -7.84 -4.25 12.14
C LYS A 364 -8.50 -4.81 13.38
N ASN A 365 -7.68 -5.33 14.29
CA ASN A 365 -8.18 -5.89 15.53
C ASN A 365 -8.95 -4.83 16.32
N ASP A 366 -8.44 -3.60 16.35
CA ASP A 366 -9.09 -2.53 17.08
C ASP A 366 -10.47 -2.23 16.49
N ILE A 367 -10.56 -2.25 15.17
CA ILE A 367 -11.80 -1.99 14.47
C ILE A 367 -12.86 -3.03 14.84
N GLU A 368 -12.48 -4.29 14.71
CA GLU A 368 -13.38 -5.38 15.03
C GLU A 368 -13.88 -5.27 16.47
N LYS A 369 -12.98 -4.91 17.39
CA LYS A 369 -13.36 -4.74 18.78
C LYS A 369 -14.39 -3.62 18.88
N ALA A 370 -14.15 -2.54 18.15
CA ALA A 370 -15.06 -1.41 18.13
C ALA A 370 -16.43 -1.87 17.63
N LYS A 371 -16.44 -2.76 16.64
CA LYS A 371 -17.70 -3.29 16.11
C LYS A 371 -18.47 -4.01 17.19
N GLN A 372 -17.79 -4.95 17.86
CA GLN A 372 -18.42 -5.72 18.93
C GLN A 372 -18.99 -4.82 20.01
N ASN A 373 -18.18 -3.87 20.47
CA ASN A 373 -18.63 -2.95 21.52
C ASN A 373 -19.89 -2.20 21.08
N LEU A 374 -19.82 -1.60 19.90
CA LEU A 374 -20.94 -0.83 19.37
C LEU A 374 -22.20 -1.66 19.20
N SER A 375 -22.01 -2.92 18.80
CA SER A 375 -23.11 -3.84 18.60
C SER A 375 -23.84 -4.05 19.93
N ILE A 376 -23.07 -4.21 20.99
CA ILE A 376 -23.65 -4.40 22.32
C ILE A 376 -24.44 -3.16 22.74
N MET A 377 -23.84 -1.99 22.56
CA MET A 377 -24.49 -0.72 22.91
C MET A 377 -25.83 -0.55 22.21
N ILE A 378 -25.84 -0.80 20.91
CA ILE A 378 -27.05 -0.67 20.12
C ILE A 378 -28.15 -1.63 20.56
N GLN A 379 -27.80 -2.90 20.70
CA GLN A 379 -28.78 -3.90 21.11
C GLN A 379 -29.38 -3.60 22.47
N ASP A 380 -28.68 -2.81 23.27
CA ASP A 380 -29.20 -2.47 24.58
C ASP A 380 -29.98 -1.15 24.63
N LEU A 381 -29.99 -0.40 23.52
CA LEU A 381 -30.72 0.87 23.48
C LEU A 381 -32.16 0.71 23.00
N ASP A 382 -33.09 1.23 23.79
CA ASP A 382 -34.51 1.16 23.46
C ASP A 382 -35.07 2.56 23.22
N ILE A 383 -35.32 2.89 21.96
CA ILE A 383 -35.84 4.20 21.63
C ILE A 383 -37.27 4.21 21.14
N MET A 384 -37.99 5.25 21.53
CA MET A 384 -39.37 5.43 21.13
C MET A 384 -39.60 6.90 20.82
N MET A 385 -39.84 7.19 19.55
CA MET A 385 -40.09 8.55 19.09
C MET A 385 -41.59 8.79 19.07
N LEU A 386 -42.03 9.85 19.73
CA LEU A 386 -43.46 10.15 19.78
C LEU A 386 -43.77 11.57 19.35
N THR A 387 -44.63 11.69 18.36
CA THR A 387 -45.04 13.00 17.88
C THR A 387 -46.40 13.28 18.50
N PHE A 388 -46.43 14.17 19.49
CA PHE A 388 -47.66 14.53 20.17
C PHE A 388 -48.38 15.55 19.29
N HIS A 389 -49.35 15.09 18.49
CA HIS A 389 -50.07 15.98 17.57
C HIS A 389 -51.27 16.68 18.21
N HIS A 390 -51.77 16.10 19.31
CA HIS A 390 -52.93 16.61 20.01
C HIS A 390 -52.88 18.12 20.27
N PHE A 391 -51.70 18.61 20.63
CA PHE A 391 -51.50 20.03 20.88
C PHE A 391 -50.04 20.34 21.23
N GLY A 392 -49.73 21.62 21.34
CA GLY A 392 -48.38 22.03 21.68
C GLY A 392 -48.39 23.06 22.79
N LYS A 393 -47.64 24.13 22.60
CA LYS A 393 -47.57 25.19 23.58
C LYS A 393 -48.89 25.95 23.63
N ASP A 394 -49.67 25.83 22.56
CA ASP A 394 -50.94 26.53 22.47
C ASP A 394 -51.91 26.32 23.62
N PHE A 395 -52.15 25.07 24.00
CA PHE A 395 -53.09 24.82 25.09
C PHE A 395 -52.60 25.35 26.43
N PRO A 396 -51.39 24.98 26.84
CA PRO A 396 -50.87 25.46 28.13
C PRO A 396 -50.96 26.98 28.23
N LYS A 397 -50.61 27.66 27.14
CA LYS A 397 -50.66 29.11 27.12
C LYS A 397 -52.08 29.65 27.26
N SER A 398 -53.04 28.99 26.63
CA SER A 398 -54.43 29.43 26.72
C SER A 398 -54.90 29.28 28.16
N GLU A 399 -54.22 28.44 28.93
CA GLU A 399 -54.58 28.24 30.33
C GLU A 399 -53.75 29.11 31.27
N LYS A 400 -52.88 29.95 30.69
CA LYS A 400 -52.00 30.82 31.47
C LYS A 400 -51.05 29.95 32.26
N LEU A 401 -50.47 28.96 31.58
CA LEU A 401 -49.53 28.05 32.23
C LEU A 401 -48.30 27.88 31.37
N SER A 402 -47.14 27.75 32.00
CA SER A 402 -45.90 27.57 31.25
C SER A 402 -45.92 26.22 30.56
N PRO A 403 -45.76 26.20 29.23
CA PRO A 403 -45.75 24.96 28.46
C PRO A 403 -44.72 23.95 28.96
N ASP A 404 -43.51 24.42 29.20
CA ASP A 404 -42.47 23.51 29.68
C ASP A 404 -42.83 22.92 31.03
N ALA A 405 -43.33 23.75 31.94
CA ALA A 405 -43.72 23.27 33.25
C ALA A 405 -44.91 22.32 33.11
N PHE A 406 -45.81 22.60 32.17
CA PHE A 406 -46.97 21.74 31.97
C PHE A 406 -46.46 20.36 31.55
N ILE A 407 -45.55 20.36 30.57
CA ILE A 407 -44.95 19.14 30.07
C ILE A 407 -44.18 18.38 31.15
N GLN A 408 -43.38 19.11 31.93
CA GLN A 408 -42.60 18.47 33.00
C GLN A 408 -43.52 17.85 34.04
N VAL A 409 -44.55 18.59 34.44
CA VAL A 409 -45.49 18.06 35.43
C VAL A 409 -46.17 16.81 34.86
N ALA A 410 -46.50 16.85 33.57
CA ALA A 410 -47.12 15.68 32.92
C ALA A 410 -46.18 14.49 33.01
N LEU A 411 -44.89 14.72 32.81
CA LEU A 411 -43.92 13.64 32.89
C LEU A 411 -43.91 13.06 34.28
N GLN A 412 -43.99 13.92 35.29
CA GLN A 412 -44.02 13.45 36.67
C GLN A 412 -45.24 12.56 36.90
N LEU A 413 -46.39 12.96 36.33
CA LEU A 413 -47.61 12.17 36.48
C LEU A 413 -47.45 10.81 35.80
N ALA A 414 -46.94 10.80 34.58
CA ALA A 414 -46.73 9.57 33.85
C ALA A 414 -45.87 8.58 34.63
N TYR A 415 -44.75 9.09 35.16
CA TYR A 415 -43.83 8.25 35.93
C TYR A 415 -44.52 7.67 37.16
N TYR A 416 -45.19 8.51 37.93
CA TYR A 416 -45.88 8.09 39.12
C TYR A 416 -46.96 7.05 38.81
N ARG A 417 -47.63 7.20 37.68
CA ARG A 417 -48.69 6.26 37.31
C ARG A 417 -48.08 4.89 37.03
N ILE A 418 -46.87 4.87 36.50
CA ILE A 418 -46.19 3.63 36.19
C ILE A 418 -45.54 2.97 37.42
N TYR A 419 -44.76 3.74 38.17
CA TYR A 419 -44.06 3.21 39.33
C TYR A 419 -44.65 3.48 40.71
N GLY A 420 -45.68 4.33 40.79
CA GLY A 420 -46.29 4.61 42.08
C GLY A 420 -45.41 5.38 43.05
N GLN A 421 -44.41 6.07 42.52
CA GLN A 421 -43.50 6.86 43.35
C GLN A 421 -42.76 7.85 42.46
N ALA A 422 -42.32 8.97 43.04
CA ALA A 422 -41.59 9.99 42.32
C ALA A 422 -40.14 9.52 42.19
N CYS A 423 -39.35 10.24 41.39
CA CYS A 423 -37.95 9.89 41.24
C CYS A 423 -37.11 11.12 40.93
N ALA A 424 -35.81 11.02 41.18
CA ALA A 424 -34.90 12.11 40.91
C ALA A 424 -35.04 12.43 39.43
N THR A 425 -35.43 13.67 39.16
CA THR A 425 -35.64 14.14 37.80
C THR A 425 -34.74 15.32 37.49
N TYR A 426 -34.10 15.26 36.33
CA TYR A 426 -33.19 16.29 35.88
C TYR A 426 -33.72 16.93 34.60
N GLU A 427 -33.69 18.27 34.56
CA GLU A 427 -34.09 19.00 33.36
C GLU A 427 -33.03 20.08 33.14
N SER A 428 -32.46 20.09 31.94
CA SER A 428 -31.43 21.07 31.58
C SER A 428 -31.90 22.52 31.69
N ALA A 429 -31.12 23.35 32.38
CA ALA A 429 -31.43 24.76 32.50
C ALA A 429 -30.22 25.52 31.96
N SER A 430 -30.47 26.48 31.07
CA SER A 430 -29.40 27.26 30.47
C SER A 430 -28.92 28.36 31.42
N LEU A 431 -27.60 28.46 31.57
CA LEU A 431 -26.99 29.49 32.43
C LEU A 431 -26.29 30.53 31.56
N ARG A 432 -26.63 30.57 30.28
CA ARG A 432 -26.01 31.49 29.34
C ARG A 432 -26.18 32.98 29.60
N MET A 433 -27.01 33.36 30.57
CA MET A 433 -27.14 34.79 30.82
C MET A 433 -25.84 35.22 31.50
N PHE A 434 -25.01 34.25 31.87
CA PHE A 434 -23.72 34.52 32.49
C PHE A 434 -22.57 34.16 31.55
N HIS A 435 -21.47 34.90 31.67
CA HIS A 435 -20.30 34.68 30.85
C HIS A 435 -19.88 33.20 30.88
N LEU A 436 -19.77 32.60 29.70
CA LEU A 436 -19.36 31.20 29.56
C LEU A 436 -20.32 30.22 30.26
N GLY A 437 -21.50 30.72 30.64
CA GLY A 437 -22.46 29.86 31.31
C GLY A 437 -22.89 28.69 30.44
N ARG A 438 -23.03 27.52 31.06
CA ARG A 438 -23.46 26.33 30.33
C ARG A 438 -24.84 25.95 30.85
N THR A 439 -24.88 25.09 31.88
CA THR A 439 -26.15 24.64 32.44
C THR A 439 -26.18 24.46 33.94
N ASP A 440 -27.40 24.35 34.45
CA ASP A 440 -27.61 24.08 35.86
C ASP A 440 -28.77 23.09 35.89
N THR A 441 -29.14 22.64 37.07
CA THR A 441 -30.19 21.65 37.15
C THR A 441 -31.52 22.08 37.74
N ILE A 442 -32.57 21.75 37.00
CA ILE A 442 -33.92 22.02 37.44
C ILE A 442 -34.46 20.66 37.86
N ARG A 443 -34.99 20.57 39.07
CA ARG A 443 -35.53 19.31 39.56
C ARG A 443 -37.04 19.31 39.51
N SER A 444 -37.56 18.59 38.52
CA SER A 444 -38.99 18.49 38.28
C SER A 444 -39.77 17.74 39.35
N ALA A 445 -39.08 16.89 40.12
CA ALA A 445 -39.75 16.16 41.20
C ALA A 445 -39.68 17.11 42.39
N SER A 446 -40.84 17.57 42.84
CA SER A 446 -40.90 18.49 43.94
C SER A 446 -42.03 18.12 44.88
N ILE A 447 -42.18 18.91 45.93
CA ILE A 447 -43.22 18.70 46.90
C ILE A 447 -44.59 18.91 46.26
N ASP A 448 -44.68 19.95 45.43
CA ASP A 448 -45.95 20.24 44.77
C ASP A 448 -46.29 19.30 43.62
N SER A 449 -45.27 18.82 42.90
CA SER A 449 -45.55 17.91 41.81
C SER A 449 -46.06 16.60 42.40
N LEU A 450 -45.45 16.16 43.50
CA LEU A 450 -45.86 14.92 44.16
C LEU A 450 -47.29 15.01 44.69
N ALA A 451 -47.64 16.18 45.24
CA ALA A 451 -48.98 16.39 45.76
C ALA A 451 -50.00 16.30 44.63
N PHE A 452 -49.59 16.75 43.44
CA PHE A 452 -50.47 16.72 42.28
C PHE A 452 -50.65 15.31 41.74
N VAL A 453 -49.54 14.62 41.47
CA VAL A 453 -49.61 13.26 40.93
C VAL A 453 -50.42 12.34 41.84
N LYS A 454 -50.27 12.53 43.15
CA LYS A 454 -51.02 11.72 44.11
C LYS A 454 -52.50 12.08 44.06
N GLY A 455 -52.81 13.37 44.20
CA GLY A 455 -54.19 13.81 44.17
C GLY A 455 -54.86 13.53 42.83
N MET A 456 -54.07 13.51 41.76
CA MET A 456 -54.59 13.25 40.43
C MET A 456 -55.17 11.85 40.30
N GLY A 457 -54.50 10.87 40.90
CA GLY A 457 -54.98 9.51 40.84
C GLY A 457 -55.83 9.10 42.01
N ASP A 458 -56.15 10.07 42.86
CA ASP A 458 -56.98 9.80 44.03
C ASP A 458 -58.45 9.94 43.64
N SER A 459 -59.15 8.81 43.51
CA SER A 459 -60.56 8.84 43.13
C SER A 459 -61.45 9.38 44.24
N THR A 460 -60.85 9.97 45.27
CA THR A 460 -61.61 10.52 46.38
C THR A 460 -61.42 12.03 46.45
N VAL A 461 -60.65 12.57 45.50
CA VAL A 461 -60.37 14.01 45.45
C VAL A 461 -61.15 14.68 44.32
N PRO A 462 -61.91 15.75 44.64
CA PRO A 462 -62.70 16.49 43.65
C PRO A 462 -61.85 17.00 42.49
N GLU A 463 -62.38 16.92 41.27
CA GLU A 463 -61.63 17.39 40.11
C GLU A 463 -61.21 18.83 40.31
N GLN A 464 -62.04 19.61 40.99
CA GLN A 464 -61.74 21.01 41.23
C GLN A 464 -60.46 21.13 42.06
N GLN A 465 -60.23 20.13 42.90
CA GLN A 465 -59.06 20.13 43.74
C GLN A 465 -57.81 19.78 42.95
N LYS A 466 -57.94 18.80 42.06
CA LYS A 466 -56.82 18.36 41.25
C LYS A 466 -56.31 19.54 40.41
N VAL A 467 -57.24 20.38 39.97
CA VAL A 467 -56.90 21.54 39.15
C VAL A 467 -55.96 22.47 39.90
N GLU A 468 -56.31 22.77 41.15
CA GLU A 468 -55.49 23.64 41.99
C GLU A 468 -54.10 23.03 42.15
N LEU A 469 -54.06 21.74 42.47
CA LEU A 469 -52.80 21.04 42.65
C LEU A 469 -51.96 21.09 41.37
N LEU A 470 -52.61 20.97 40.22
CA LEU A 470 -51.91 20.99 38.96
C LEU A 470 -51.26 22.36 38.73
N ARG A 471 -52.04 23.42 38.86
CA ARG A 471 -51.51 24.77 38.66
C ARG A 471 -50.38 25.09 39.64
N LYS A 472 -50.53 24.64 40.88
CA LYS A 472 -49.49 24.91 41.88
C LYS A 472 -48.20 24.16 41.53
N ALA A 473 -48.33 22.95 41.01
CA ALA A 473 -47.17 22.17 40.60
C ALA A 473 -46.47 22.88 39.45
N VAL A 474 -47.24 23.35 38.48
CA VAL A 474 -46.70 24.05 37.32
C VAL A 474 -46.00 25.33 37.76
N GLN A 475 -46.65 26.10 38.64
CA GLN A 475 -46.05 27.34 39.12
C GLN A 475 -44.76 27.08 39.90
N ALA A 476 -44.76 26.02 40.70
CA ALA A 476 -43.58 25.68 41.50
C ALA A 476 -42.41 25.38 40.57
N HIS A 477 -42.71 24.72 39.46
CA HIS A 477 -41.69 24.35 38.48
C HIS A 477 -41.19 25.58 37.72
N ARG A 478 -42.07 26.54 37.47
CA ARG A 478 -41.70 27.77 36.76
C ARG A 478 -40.82 28.61 37.69
N ALA A 479 -41.11 28.58 38.98
CA ALA A 479 -40.35 29.34 39.96
C ALA A 479 -38.94 28.77 40.06
N TYR A 480 -38.86 27.44 40.02
CA TYR A 480 -37.56 26.76 40.09
C TYR A 480 -36.77 27.12 38.84
N THR A 481 -37.47 27.14 37.70
CA THR A 481 -36.85 27.46 36.43
C THR A 481 -36.26 28.87 36.43
N ASP A 482 -37.03 29.85 36.95
CA ASP A 482 -36.57 31.24 36.99
C ASP A 482 -35.29 31.34 37.84
N ARG A 483 -35.24 30.57 38.92
CA ARG A 483 -34.07 30.58 39.80
C ARG A 483 -32.87 29.92 39.13
N ALA A 484 -33.12 28.84 38.39
CA ALA A 484 -32.07 28.11 37.71
C ALA A 484 -31.34 28.92 36.65
N ILE A 485 -32.09 29.59 35.79
CA ILE A 485 -31.50 30.40 34.74
C ILE A 485 -30.76 31.60 35.31
N ARG A 486 -31.15 32.01 36.51
CA ARG A 486 -30.51 33.16 37.19
C ARG A 486 -29.38 32.73 38.11
N GLY A 487 -28.99 31.46 38.06
CA GLY A 487 -27.91 30.99 38.90
C GLY A 487 -28.27 30.78 40.36
N GLU A 488 -29.57 30.62 40.64
CA GLU A 488 -30.03 30.40 42.00
C GLU A 488 -30.37 28.94 42.30
N ALA A 489 -30.11 28.03 41.36
CA ALA A 489 -30.36 26.61 41.60
C ALA A 489 -29.24 26.16 42.54
N PHE A 490 -29.20 24.87 42.89
CA PHE A 490 -28.18 24.40 43.82
C PHE A 490 -27.31 23.24 43.36
N ASP A 491 -27.73 22.50 42.34
CA ASP A 491 -26.95 21.35 41.91
C ASP A 491 -25.50 21.63 41.55
N ARG A 492 -25.27 22.63 40.71
CA ARG A 492 -23.92 22.98 40.31
C ARG A 492 -23.17 23.52 41.52
N HIS A 493 -23.88 24.21 42.41
CA HIS A 493 -23.29 24.78 43.62
C HIS A 493 -22.78 23.64 44.51
N LEU A 494 -23.63 22.66 44.78
CA LEU A 494 -23.24 21.53 45.62
C LEU A 494 -22.08 20.77 44.99
N LEU A 495 -22.08 20.67 43.66
CA LEU A 495 -20.99 19.99 42.96
C LEU A 495 -19.71 20.78 43.20
N GLY A 496 -19.84 22.11 43.11
CA GLY A 496 -18.69 22.97 43.34
C GLY A 496 -18.12 22.84 44.74
N LEU A 497 -19.00 22.67 45.72
CA LEU A 497 -18.56 22.52 47.09
C LEU A 497 -17.80 21.19 47.25
N LYS A 498 -18.26 20.16 46.55
CA LYS A 498 -17.62 18.86 46.59
C LYS A 498 -16.22 18.94 45.98
N LEU A 499 -16.15 19.46 44.75
CA LEU A 499 -14.87 19.58 44.07
C LEU A 499 -13.92 20.47 44.89
N GLN A 500 -14.47 21.52 45.49
CA GLN A 500 -13.68 22.45 46.31
C GLN A 500 -13.08 21.70 47.50
N ALA A 501 -13.86 20.79 48.09
CA ALA A 501 -13.38 20.01 49.22
C ALA A 501 -12.18 19.19 48.78
N ILE A 502 -12.29 18.57 47.60
CA ILE A 502 -11.22 17.75 47.06
C ILE A 502 -9.96 18.59 46.86
N GLU A 503 -10.15 19.77 46.29
CA GLU A 503 -9.03 20.67 46.03
C GLU A 503 -8.39 21.18 47.32
N ASP A 504 -9.20 21.40 48.35
CA ASP A 504 -8.70 21.87 49.64
C ASP A 504 -8.01 20.76 50.39
N LEU A 505 -8.08 19.55 49.84
CA LEU A 505 -7.45 18.40 50.46
C LEU A 505 -8.07 18.02 51.80
N VAL A 506 -9.34 18.36 52.00
CA VAL A 506 -10.01 18.00 53.24
C VAL A 506 -10.82 16.74 52.99
N SER A 507 -11.14 16.02 54.06
CA SER A 507 -11.91 14.78 53.92
C SER A 507 -13.25 15.08 53.25
N MET A 508 -13.72 14.12 52.46
CA MET A 508 -14.99 14.28 51.76
C MET A 508 -16.14 14.42 52.75
N PRO A 509 -16.79 15.60 52.77
CA PRO A 509 -17.90 15.84 53.69
C PRO A 509 -18.96 14.73 53.61
N ASP A 510 -19.51 14.38 54.75
CA ASP A 510 -20.53 13.34 54.84
C ASP A 510 -21.76 13.65 54.01
N ILE A 511 -22.09 14.93 53.91
CA ILE A 511 -23.26 15.37 53.17
C ILE A 511 -23.18 14.90 51.72
N PHE A 512 -21.96 14.75 51.20
CA PHE A 512 -21.77 14.28 49.82
C PHE A 512 -21.71 12.76 49.75
N MET A 513 -21.52 12.10 50.89
CA MET A 513 -21.49 10.64 50.89
C MET A 513 -22.81 10.10 51.42
N ASP A 514 -23.71 11.02 51.75
CA ASP A 514 -25.02 10.70 52.26
C ASP A 514 -25.85 9.96 51.21
N THR A 515 -26.68 9.02 51.66
CA THR A 515 -27.54 8.27 50.76
C THR A 515 -28.47 9.17 49.96
N SER A 516 -29.01 10.18 50.63
CA SER A 516 -29.92 11.12 49.98
C SER A 516 -29.27 11.80 48.79
N TYR A 517 -27.98 12.11 48.89
CA TYR A 517 -27.30 12.76 47.78
C TYR A 517 -27.15 11.78 46.63
N ALA A 518 -26.81 10.54 46.96
CA ALA A 518 -26.65 9.51 45.94
C ALA A 518 -27.95 9.35 45.15
N ILE A 519 -29.07 9.33 45.87
CA ILE A 519 -30.39 9.20 45.27
C ILE A 519 -30.72 10.43 44.44
N ALA A 520 -30.44 11.60 45.01
CA ALA A 520 -30.71 12.87 44.33
C ALA A 520 -29.95 13.01 43.02
N MET A 521 -28.75 12.43 42.94
CA MET A 521 -27.94 12.54 41.74
C MET A 521 -28.08 11.37 40.77
N HIS A 522 -28.93 10.41 41.13
CA HIS A 522 -29.19 9.24 40.30
C HIS A 522 -30.51 9.56 39.56
N PHE A 523 -30.40 10.20 38.40
CA PHE A 523 -31.58 10.62 37.64
C PHE A 523 -32.27 9.58 36.76
N ASN A 524 -33.28 8.96 37.33
CA ASN A 524 -34.06 7.95 36.62
C ASN A 524 -34.73 8.62 35.42
N LEU A 525 -34.96 9.92 35.56
CA LEU A 525 -35.52 10.74 34.50
C LEU A 525 -34.51 11.87 34.20
N SER A 526 -33.89 11.81 33.03
CA SER A 526 -32.95 12.84 32.62
C SER A 526 -33.59 13.45 31.38
N THR A 527 -33.91 14.74 31.47
CA THR A 527 -34.61 15.41 30.39
C THR A 527 -34.05 16.78 29.99
N SER A 528 -34.59 17.31 28.90
CA SER A 528 -34.21 18.63 28.41
C SER A 528 -35.18 19.06 27.33
N GLN A 529 -35.23 20.36 27.10
CA GLN A 529 -36.08 20.91 26.08
C GLN A 529 -35.17 21.62 25.09
N VAL A 530 -35.40 21.41 23.81
CA VAL A 530 -34.58 22.08 22.81
C VAL A 530 -35.51 22.73 21.77
N PRO A 531 -35.99 23.95 22.06
CA PRO A 531 -36.88 24.69 21.16
C PRO A 531 -36.24 24.90 19.80
N ALA A 532 -37.06 25.04 18.75
CA ALA A 532 -36.54 25.29 17.41
C ALA A 532 -37.69 25.63 16.47
N LYS A 533 -37.37 26.36 15.40
CA LYS A 533 -38.37 26.72 14.41
C LYS A 533 -38.51 25.53 13.47
N THR A 534 -37.41 24.82 13.26
CA THR A 534 -37.41 23.65 12.41
C THR A 534 -38.15 22.55 13.17
N ASP A 535 -38.95 21.77 12.45
CA ASP A 535 -39.72 20.69 13.06
C ASP A 535 -38.80 19.49 13.27
N CYS A 536 -37.81 19.68 14.15
CA CYS A 536 -36.84 18.65 14.44
C CYS A 536 -36.98 18.17 15.87
N VAL A 537 -36.17 17.20 16.24
CA VAL A 537 -36.21 16.67 17.59
C VAL A 537 -34.84 16.10 17.92
N MET A 538 -34.48 16.16 19.19
CA MET A 538 -33.20 15.64 19.64
C MET A 538 -33.41 14.48 20.59
N PHE A 539 -32.38 13.68 20.78
CA PHE A 539 -32.45 12.53 21.67
C PHE A 539 -31.07 12.14 22.19
N PHE A 540 -31.06 11.43 23.31
CA PHE A 540 -29.83 10.98 23.94
C PHE A 540 -30.18 9.79 24.83
N GLY A 541 -29.20 8.97 25.16
CA GLY A 541 -29.48 7.82 26.01
C GLY A 541 -29.64 8.22 27.47
N PRO A 542 -30.23 7.35 28.31
CA PRO A 542 -30.41 7.66 29.74
C PRO A 542 -29.05 7.84 30.41
N VAL A 543 -29.02 8.55 31.53
CA VAL A 543 -27.76 8.78 32.24
C VAL A 543 -27.49 7.68 33.27
N VAL A 544 -28.53 6.91 33.61
CA VAL A 544 -28.39 5.78 34.53
C VAL A 544 -28.96 4.53 33.88
N PRO A 545 -28.43 3.35 34.25
CA PRO A 545 -28.88 2.07 33.69
C PRO A 545 -30.39 1.84 33.79
N ASP A 546 -30.99 2.26 34.90
CA ASP A 546 -32.42 2.08 35.11
C ASP A 546 -33.23 3.36 34.95
N GLY A 547 -32.84 4.22 34.02
CA GLY A 547 -33.56 5.47 33.82
C GLY A 547 -33.96 5.73 32.39
N TYR A 548 -34.51 6.91 32.13
CA TYR A 548 -34.92 7.28 30.78
C TYR A 548 -34.28 8.57 30.29
N GLY A 549 -34.08 8.66 28.98
CA GLY A 549 -33.53 9.85 28.39
C GLY A 549 -34.68 10.47 27.60
N ILE A 550 -35.18 11.62 28.03
CA ILE A 550 -36.31 12.26 27.36
C ILE A 550 -36.03 13.70 26.93
N CYS A 551 -36.22 13.98 25.65
CA CYS A 551 -35.98 15.29 25.10
C CYS A 551 -37.18 15.68 24.23
N TYR A 552 -37.46 16.97 24.12
CA TYR A 552 -38.60 17.39 23.33
C TYR A 552 -38.47 18.78 22.75
N ASN A 553 -39.18 18.97 21.64
CA ASN A 553 -39.22 20.25 20.96
C ASN A 553 -40.67 20.71 21.02
N PRO A 554 -40.98 21.62 21.95
CA PRO A 554 -42.33 22.15 22.12
C PRO A 554 -42.67 23.11 21.00
N MET A 555 -43.57 22.70 20.11
CA MET A 555 -43.99 23.57 19.02
C MET A 555 -45.32 24.17 19.44
N GLU A 556 -45.90 24.97 18.57
CA GLU A 556 -47.18 25.63 18.87
C GLU A 556 -48.37 24.66 18.88
N ALA A 557 -48.53 23.85 17.84
CA ALA A 557 -49.65 22.92 17.76
C ALA A 557 -49.29 21.45 18.05
N HIS A 558 -48.01 21.17 18.30
CA HIS A 558 -47.60 19.80 18.61
C HIS A 558 -46.26 19.78 19.34
N ILE A 559 -45.87 18.61 19.83
CA ILE A 559 -44.60 18.47 20.53
C ILE A 559 -43.86 17.24 20.06
N ASN A 560 -42.61 17.44 19.65
CA ASN A 560 -41.76 16.35 19.19
C ASN A 560 -41.10 15.75 20.43
N PHE A 561 -41.40 14.50 20.72
CA PHE A 561 -40.83 13.84 21.88
C PHE A 561 -39.85 12.75 21.51
N SER A 562 -38.96 12.42 22.43
CA SER A 562 -38.00 11.34 22.22
C SER A 562 -37.86 10.68 23.59
N VAL A 563 -37.92 9.37 23.63
CA VAL A 563 -37.82 8.62 24.88
C VAL A 563 -36.86 7.46 24.69
N SER A 564 -35.82 7.41 25.52
CA SER A 564 -34.81 6.36 25.43
C SER A 564 -34.77 5.58 26.74
N ALA A 565 -34.27 4.35 26.66
CA ALA A 565 -34.15 3.48 27.82
C ALA A 565 -33.18 2.37 27.49
N TYR A 566 -32.73 1.65 28.51
CA TYR A 566 -31.79 0.55 28.29
C TYR A 566 -32.50 -0.79 28.49
N ASN A 567 -32.30 -1.70 27.54
CA ASN A 567 -32.95 -3.00 27.63
C ASN A 567 -32.41 -3.84 28.79
N SER A 568 -31.24 -3.48 29.29
CA SER A 568 -30.64 -4.20 30.40
C SER A 568 -31.46 -4.02 31.67
N CYS A 569 -32.40 -3.07 31.65
CA CYS A 569 -33.26 -2.82 32.81
C CYS A 569 -34.71 -3.19 32.50
N ALA A 570 -35.16 -4.30 33.05
CA ALA A 570 -36.52 -4.79 32.83
C ALA A 570 -37.62 -3.86 33.35
N GLU A 571 -37.28 -3.01 34.32
CA GLU A 571 -38.27 -2.09 34.88
C GLU A 571 -38.55 -0.87 34.01
N THR A 572 -37.84 -0.72 32.90
CA THR A 572 -38.05 0.42 32.00
C THR A 572 -38.43 0.00 30.59
N ASN A 573 -39.29 0.78 29.95
CA ASN A 573 -39.74 0.50 28.60
C ASN A 573 -40.07 1.81 27.90
N ALA A 574 -39.29 2.14 26.88
CA ALA A 574 -39.47 3.39 26.13
C ALA A 574 -40.90 3.61 25.62
N ALA A 575 -41.43 2.63 24.91
CA ALA A 575 -42.78 2.75 24.36
C ALA A 575 -43.80 3.03 25.46
N ARG A 576 -43.72 2.26 26.54
CA ARG A 576 -44.65 2.43 27.65
C ARG A 576 -44.55 3.84 28.25
N MET A 577 -43.35 4.28 28.59
CA MET A 577 -43.17 5.61 29.18
C MET A 577 -43.77 6.68 28.26
N ALA A 578 -43.52 6.55 26.96
CA ALA A 578 -44.04 7.51 25.98
C ALA A 578 -45.57 7.49 25.96
N HIS A 579 -46.15 6.31 26.03
CA HIS A 579 -47.60 6.16 26.02
C HIS A 579 -48.20 6.81 27.26
N TYR A 580 -47.59 6.59 28.43
CA TYR A 580 -48.11 7.19 29.65
C TYR A 580 -47.94 8.70 29.62
N LEU A 581 -46.85 9.18 29.02
CA LEU A 581 -46.61 10.61 28.92
C LEU A 581 -47.70 11.23 28.07
N GLU A 582 -47.96 10.64 26.91
CA GLU A 582 -49.00 11.13 26.02
C GLU A 582 -50.34 11.19 26.75
N LYS A 583 -50.68 10.13 27.46
CA LYS A 583 -51.94 10.07 28.20
C LYS A 583 -51.97 11.07 29.35
N ALA A 584 -50.83 11.29 30.00
CA ALA A 584 -50.79 12.23 31.11
C ALA A 584 -51.07 13.64 30.59
N LEU A 585 -50.44 14.00 29.47
CA LEU A 585 -50.62 15.31 28.87
C LEU A 585 -52.11 15.54 28.54
N LEU A 586 -52.75 14.53 27.98
CA LEU A 586 -54.17 14.62 27.63
C LEU A 586 -55.07 14.72 28.84
N ASP A 587 -54.79 13.92 29.87
CA ASP A 587 -55.62 13.95 31.07
C ASP A 587 -55.57 15.31 31.75
N MET A 588 -54.40 15.94 31.69
CA MET A 588 -54.25 17.25 32.28
C MET A 588 -55.05 18.28 31.48
N ARG A 589 -55.04 18.14 30.16
CA ARG A 589 -55.81 19.05 29.32
C ARG A 589 -57.29 18.82 29.63
N THR A 590 -57.69 17.56 29.70
CA THR A 590 -59.09 17.23 30.00
C THR A 590 -59.51 17.83 31.33
N LEU A 591 -58.67 17.62 32.33
CA LEU A 591 -58.95 18.14 33.67
C LEU A 591 -59.13 19.65 33.66
N LEU A 592 -58.24 20.37 32.99
CA LEU A 592 -58.31 21.83 32.91
C LEU A 592 -59.51 22.32 32.11
N GLN A 593 -59.84 21.62 31.03
CA GLN A 593 -60.97 22.01 30.20
C GLN A 593 -62.30 21.78 30.90
N ASN A 594 -62.35 20.79 31.77
CA ASN A 594 -63.57 20.48 32.51
C ASN A 594 -63.87 21.54 33.55
N HIS A 595 -62.89 22.37 33.85
CA HIS A 595 -63.07 23.40 34.85
C HIS A 595 -62.42 24.73 34.45
N PRO A 596 -63.06 25.46 33.54
CA PRO A 596 -62.57 26.76 33.06
C PRO A 596 -62.52 27.78 34.20
N ARG A 597 -61.52 28.65 34.17
CA ARG A 597 -61.37 29.68 35.21
C ARG A 597 -62.28 30.87 34.95
N ALA A 598 -62.25 31.34 33.71
CA ALA A 598 -63.07 32.49 33.29
C ALA A 598 -64.56 32.29 33.58
N LYS A 599 -64.99 32.76 34.74
CA LYS A 599 -66.38 32.66 35.17
C LYS A 599 -66.86 31.20 35.19
N SER B 1 50.33 -30.87 -13.07
CA SER B 1 49.97 -29.45 -12.84
C SER B 1 49.22 -28.91 -14.05
N HIS B 2 48.71 -27.70 -13.92
CA HIS B 2 47.97 -27.07 -15.00
C HIS B 2 48.86 -26.76 -16.20
N MET B 3 49.92 -25.99 -15.96
CA MET B 3 50.83 -25.64 -17.05
C MET B 3 51.37 -26.86 -17.80
N ALA B 4 51.67 -27.92 -17.06
CA ALA B 4 52.17 -29.14 -17.68
C ALA B 4 51.16 -29.65 -18.70
N HIS B 5 49.88 -29.61 -18.31
CA HIS B 5 48.79 -30.05 -19.18
C HIS B 5 48.73 -29.15 -20.41
N GLN B 6 48.74 -27.84 -20.18
CA GLN B 6 48.67 -26.87 -21.26
C GLN B 6 49.80 -26.98 -22.28
N ASP B 7 51.03 -27.18 -21.79
CA ASP B 7 52.18 -27.30 -22.68
C ASP B 7 52.08 -28.51 -23.58
N ALA B 8 51.41 -29.55 -23.09
CA ALA B 8 51.24 -30.77 -23.85
C ALA B 8 50.15 -30.63 -24.92
N LEU B 9 49.39 -29.53 -24.87
CA LEU B 9 48.33 -29.32 -25.84
C LEU B 9 48.85 -28.78 -27.16
N PRO B 10 48.21 -29.13 -28.28
CA PRO B 10 48.66 -28.62 -29.58
C PRO B 10 48.31 -27.14 -29.70
N ARG B 11 49.10 -26.42 -30.51
CA ARG B 11 48.88 -25.00 -30.72
C ARG B 11 47.88 -24.83 -31.86
N LEU B 12 47.12 -23.73 -31.82
CA LEU B 12 46.13 -23.45 -32.85
C LEU B 12 46.83 -23.34 -34.20
N PRO B 13 46.43 -24.17 -35.17
CA PRO B 13 47.08 -24.08 -36.47
C PRO B 13 46.48 -23.01 -37.36
N VAL B 14 47.12 -22.79 -38.50
CA VAL B 14 46.64 -21.83 -39.49
C VAL B 14 46.35 -22.70 -40.70
N PRO B 15 45.07 -22.82 -41.08
CA PRO B 15 44.69 -23.62 -42.24
C PRO B 15 45.31 -23.10 -43.54
N PRO B 16 45.48 -23.98 -44.54
CA PRO B 16 46.06 -23.54 -45.82
C PRO B 16 45.09 -22.54 -46.44
N LEU B 17 45.63 -21.52 -47.10
CA LEU B 17 44.79 -20.50 -47.72
C LEU B 17 43.76 -21.11 -48.68
N GLN B 18 44.24 -21.94 -49.61
CA GLN B 18 43.37 -22.58 -50.59
C GLN B 18 42.22 -23.37 -49.95
N GLN B 19 42.55 -24.14 -48.93
CA GLN B 19 41.57 -24.96 -48.23
C GLN B 19 40.41 -24.12 -47.69
N SER B 20 40.74 -23.05 -46.96
CA SER B 20 39.72 -22.19 -46.38
C SER B 20 38.91 -21.40 -47.41
N LEU B 21 39.55 -20.96 -48.48
CA LEU B 21 38.84 -20.20 -49.51
C LEU B 21 37.85 -21.11 -50.22
N ASP B 22 38.19 -22.38 -50.36
CA ASP B 22 37.28 -23.34 -50.99
C ASP B 22 36.09 -23.61 -50.08
N TYR B 23 36.32 -23.75 -48.78
CA TYR B 23 35.20 -23.98 -47.89
C TYR B 23 34.30 -22.76 -47.86
N TYR B 24 34.94 -21.59 -47.97
CA TYR B 24 34.21 -20.34 -47.97
C TYR B 24 33.24 -20.30 -49.17
N LEU B 25 33.75 -20.55 -50.36
CA LEU B 25 32.89 -20.55 -51.55
C LEU B 25 31.73 -21.53 -51.42
N LYS B 26 32.00 -22.72 -50.90
CA LYS B 26 30.94 -23.71 -50.74
C LYS B 26 29.88 -23.21 -49.77
N ALA B 27 30.30 -22.59 -48.67
CA ALA B 27 29.38 -22.08 -47.66
C ALA B 27 28.56 -20.89 -48.13
N LEU B 28 29.03 -20.23 -49.19
CA LEU B 28 28.33 -19.06 -49.74
C LEU B 28 27.20 -19.42 -50.70
N GLN B 29 27.37 -20.51 -51.43
CA GLN B 29 26.38 -20.91 -52.43
C GLN B 29 24.91 -20.77 -52.01
N PRO B 30 24.54 -21.30 -50.84
CA PRO B 30 23.15 -21.20 -50.38
C PRO B 30 22.67 -19.85 -49.87
N ILE B 31 23.57 -18.91 -49.63
CA ILE B 31 23.14 -17.63 -49.08
C ILE B 31 23.41 -16.38 -49.92
N VAL B 32 23.94 -16.56 -51.12
CA VAL B 32 24.19 -15.42 -52.01
C VAL B 32 23.65 -15.75 -53.39
N SER B 33 23.36 -14.72 -54.18
CA SER B 33 22.82 -14.89 -55.52
C SER B 33 23.90 -15.45 -56.45
N GLU B 34 23.50 -15.84 -57.65
CA GLU B 34 24.46 -16.40 -58.62
C GLU B 34 25.52 -15.39 -59.02
N GLU B 35 25.11 -14.14 -59.21
CA GLU B 35 26.02 -13.08 -59.60
C GLU B 35 27.03 -12.79 -58.50
N GLU B 36 26.55 -12.67 -57.27
CA GLU B 36 27.41 -12.40 -56.12
C GLU B 36 28.43 -13.52 -55.92
N TRP B 37 27.98 -14.77 -56.09
CA TRP B 37 28.88 -15.91 -55.92
C TRP B 37 29.91 -15.93 -57.05
N ALA B 38 29.43 -15.72 -58.27
CA ALA B 38 30.31 -15.70 -59.45
C ALA B 38 31.40 -14.66 -59.24
N HIS B 39 30.99 -13.47 -58.82
CA HIS B 39 31.94 -12.39 -58.58
C HIS B 39 32.93 -12.77 -57.47
N THR B 40 32.39 -13.26 -56.35
CA THR B 40 33.24 -13.66 -55.23
C THR B 40 34.25 -14.71 -55.67
N LYS B 41 33.84 -15.57 -56.58
CA LYS B 41 34.72 -16.62 -57.12
C LYS B 41 35.93 -15.96 -57.78
N GLN B 42 35.69 -14.88 -58.53
CA GLN B 42 36.77 -14.16 -59.18
C GLN B 42 37.67 -13.51 -58.14
N LEU B 43 37.07 -12.91 -57.11
CA LEU B 43 37.85 -12.27 -56.07
C LEU B 43 38.74 -13.27 -55.34
N VAL B 44 38.22 -14.47 -55.12
CA VAL B 44 38.98 -15.52 -54.45
C VAL B 44 40.18 -15.93 -55.28
N ASP B 45 39.95 -16.19 -56.57
CA ASP B 45 41.04 -16.58 -57.46
C ASP B 45 42.13 -15.52 -57.48
N GLU B 46 41.73 -14.25 -57.50
CA GLU B 46 42.69 -13.16 -57.49
C GLU B 46 43.39 -13.06 -56.14
N PHE B 47 42.63 -13.29 -55.06
CA PHE B 47 43.16 -13.22 -53.71
C PHE B 47 44.34 -14.15 -53.47
N GLN B 48 44.29 -15.37 -54.03
CA GLN B 48 45.37 -16.32 -53.80
C GLN B 48 46.29 -16.54 -54.99
N THR B 49 46.30 -15.62 -55.95
CA THR B 49 47.17 -15.80 -57.11
C THR B 49 48.62 -15.55 -56.71
N SER B 50 49.54 -16.08 -57.51
CA SER B 50 50.97 -15.92 -57.24
C SER B 50 51.36 -14.45 -57.11
N GLY B 51 52.00 -14.11 -56.00
CA GLY B 51 52.43 -12.75 -55.77
C GLY B 51 51.28 -11.83 -55.43
N GLY B 52 50.18 -12.39 -54.96
CA GLY B 52 49.02 -11.57 -54.62
C GLY B 52 48.94 -11.21 -53.15
N VAL B 53 47.84 -10.57 -52.79
CA VAL B 53 47.58 -10.15 -51.42
C VAL B 53 47.42 -11.34 -50.45
N GLY B 54 46.53 -12.27 -50.77
CA GLY B 54 46.29 -13.41 -49.90
C GLY B 54 47.53 -14.16 -49.44
N GLU B 55 48.41 -14.43 -50.40
CA GLU B 55 49.65 -15.14 -50.15
C GLU B 55 50.51 -14.40 -49.11
N ARG B 56 50.61 -13.08 -49.24
CA ARG B 56 51.40 -12.31 -48.28
C ARG B 56 50.76 -12.31 -46.90
N LEU B 57 49.45 -12.20 -46.84
CA LEU B 57 48.74 -12.19 -45.56
C LEU B 57 48.85 -13.53 -44.85
N GLN B 58 48.77 -14.61 -45.62
CA GLN B 58 48.86 -15.96 -45.09
C GLN B 58 50.23 -16.15 -44.45
N LYS B 59 51.25 -15.63 -45.11
CA LYS B 59 52.63 -15.70 -44.63
C LYS B 59 52.72 -15.02 -43.27
N GLY B 60 52.03 -13.89 -43.15
CA GLY B 60 52.02 -13.15 -41.90
C GLY B 60 51.39 -13.94 -40.78
N LEU B 61 50.31 -14.63 -41.10
CA LEU B 61 49.61 -15.45 -40.11
C LEU B 61 50.50 -16.61 -39.66
N GLU B 62 51.17 -17.26 -40.59
CA GLU B 62 52.01 -18.39 -40.21
C GLU B 62 53.21 -17.93 -39.37
N ARG B 63 53.66 -16.70 -39.58
CA ARG B 63 54.76 -16.19 -38.78
C ARG B 63 54.23 -15.83 -37.41
N ARG B 64 52.99 -15.34 -37.39
CA ARG B 64 52.36 -14.96 -36.13
C ARG B 64 52.22 -16.17 -35.21
N ALA B 65 51.95 -17.34 -35.80
CA ALA B 65 51.80 -18.55 -35.01
C ALA B 65 53.14 -19.05 -34.47
N LYS B 66 54.24 -18.61 -35.07
CA LYS B 66 55.57 -19.02 -34.63
C LYS B 66 56.07 -18.16 -33.49
N LYS B 67 55.41 -17.05 -33.22
CA LYS B 67 55.86 -16.17 -32.15
C LYS B 67 54.85 -15.96 -31.05
N MET B 68 53.77 -16.73 -31.08
CA MET B 68 52.74 -16.63 -30.06
C MET B 68 52.27 -18.01 -29.67
N GLU B 69 51.66 -18.09 -28.48
CA GLU B 69 51.14 -19.35 -27.97
C GLU B 69 49.91 -19.71 -28.78
N ASN B 70 49.14 -18.70 -29.14
CA ASN B 70 47.92 -18.85 -29.92
C ASN B 70 47.77 -17.60 -30.80
N TRP B 71 47.91 -17.76 -32.11
CA TRP B 71 47.83 -16.60 -33.01
C TRP B 71 46.51 -15.83 -33.02
N LEU B 72 45.42 -16.52 -32.69
CA LEU B 72 44.08 -15.90 -32.69
C LEU B 72 43.63 -15.30 -31.37
N SER B 73 44.08 -15.90 -30.28
CA SER B 73 43.73 -15.52 -28.92
C SER B 73 43.47 -14.03 -28.60
N GLU B 74 44.51 -13.22 -28.70
CA GLU B 74 44.37 -11.80 -28.39
C GLU B 74 43.43 -11.10 -29.37
N TRP B 75 43.56 -11.41 -30.65
CA TRP B 75 42.70 -10.80 -31.68
C TRP B 75 41.23 -11.08 -31.43
N TRP B 76 40.90 -12.33 -31.11
CA TRP B 76 39.50 -12.71 -30.87
C TRP B 76 38.92 -11.97 -29.67
N LEU B 77 39.65 -12.02 -28.56
CA LEU B 77 39.22 -11.36 -27.33
C LEU B 77 38.96 -9.88 -27.58
N LYS B 78 39.86 -9.26 -28.34
CA LYS B 78 39.74 -7.85 -28.67
C LYS B 78 38.55 -7.54 -29.56
N THR B 79 38.51 -8.15 -30.74
CA THR B 79 37.43 -7.89 -31.70
C THR B 79 36.04 -8.37 -31.31
N ALA B 80 35.98 -9.50 -30.61
CA ALA B 80 34.69 -10.04 -30.23
C ALA B 80 34.16 -9.43 -28.94
N TYR B 81 35.04 -9.05 -28.02
CA TYR B 81 34.53 -8.50 -26.77
C TYR B 81 35.06 -7.14 -26.30
N LEU B 82 36.37 -7.04 -26.08
CA LEU B 82 36.96 -5.79 -25.60
C LEU B 82 36.62 -4.56 -26.45
N GLN B 83 36.59 -4.73 -27.78
CA GLN B 83 36.25 -3.62 -28.66
C GLN B 83 34.76 -3.52 -28.99
N PHE B 84 33.97 -4.47 -28.50
CA PHE B 84 32.53 -4.44 -28.73
C PHE B 84 31.97 -3.45 -27.73
N ARG B 85 31.49 -2.32 -28.23
CA ARG B 85 31.00 -1.22 -27.38
C ARG B 85 29.55 -1.24 -26.97
N GLN B 86 28.76 -2.17 -27.51
CA GLN B 86 27.36 -2.25 -27.11
C GLN B 86 27.34 -2.71 -25.67
N PRO B 87 26.23 -2.47 -24.97
CA PRO B 87 26.13 -2.90 -23.58
C PRO B 87 26.48 -4.39 -23.51
N VAL B 88 26.96 -4.89 -22.37
CA VAL B 88 27.28 -6.32 -22.30
C VAL B 88 25.99 -7.07 -22.00
N VAL B 89 25.04 -6.36 -21.39
CA VAL B 89 23.73 -6.90 -21.06
C VAL B 89 22.96 -7.20 -22.34
N ILE B 90 22.41 -8.42 -22.44
CA ILE B 90 21.63 -8.86 -23.59
C ILE B 90 22.49 -9.08 -24.84
N TYR B 91 23.31 -8.10 -25.20
CA TYR B 91 24.15 -8.17 -26.39
C TYR B 91 25.39 -9.04 -26.27
N SER B 92 25.85 -9.29 -25.06
CA SER B 92 27.06 -10.09 -24.91
C SER B 92 27.02 -11.16 -23.81
N SER B 93 26.67 -10.75 -22.60
CA SER B 93 26.61 -11.63 -21.44
C SER B 93 25.47 -12.64 -21.48
N PRO B 94 25.78 -13.94 -21.65
CA PRO B 94 24.71 -14.95 -21.69
C PRO B 94 24.00 -15.11 -20.36
N GLY B 95 22.68 -15.28 -20.42
CA GLY B 95 21.90 -15.47 -19.20
C GLY B 95 21.74 -16.97 -19.04
N VAL B 96 21.38 -17.42 -17.83
CA VAL B 96 21.21 -18.84 -17.59
C VAL B 96 20.06 -19.10 -16.64
N ILE B 97 19.19 -20.06 -16.98
CA ILE B 97 18.08 -20.39 -16.10
C ILE B 97 18.41 -21.75 -15.49
N LEU B 98 18.37 -21.83 -14.17
CA LEU B 98 18.66 -23.08 -13.47
C LEU B 98 17.34 -23.67 -12.96
N PRO B 99 17.34 -24.94 -12.54
CA PRO B 99 16.11 -25.55 -12.04
C PRO B 99 15.57 -24.75 -10.85
N LYS B 100 14.28 -24.45 -10.87
CA LYS B 100 13.66 -23.70 -9.80
C LYS B 100 13.77 -24.49 -8.49
N GLN B 101 13.98 -23.78 -7.39
CA GLN B 101 14.11 -24.42 -6.08
C GLN B 101 12.77 -24.40 -5.34
N ASP B 102 12.65 -25.27 -4.35
CA ASP B 102 11.41 -25.39 -3.58
C ASP B 102 11.22 -24.46 -2.39
N PHE B 103 12.22 -23.68 -2.01
CA PHE B 103 12.03 -22.80 -0.85
C PHE B 103 10.85 -21.86 -1.08
N VAL B 104 10.10 -21.58 -0.02
CA VAL B 104 8.94 -20.71 -0.12
C VAL B 104 8.99 -19.54 0.85
N ASP B 105 10.04 -19.50 1.66
CA ASP B 105 10.20 -18.41 2.62
C ASP B 105 11.63 -17.88 2.60
N LEU B 106 11.83 -16.76 3.29
CA LEU B 106 13.13 -16.10 3.35
C LEU B 106 14.28 -17.00 3.78
N GLN B 107 14.07 -17.77 4.86
CA GLN B 107 15.12 -18.67 5.35
C GLN B 107 15.53 -19.72 4.32
N GLY B 108 14.55 -20.23 3.58
CA GLY B 108 14.84 -21.24 2.58
C GLY B 108 15.64 -20.63 1.44
N GLN B 109 15.28 -19.41 1.05
CA GLN B 109 15.98 -18.72 0.00
C GLN B 109 17.43 -18.53 0.43
N LEU B 110 17.64 -17.96 1.60
CA LEU B 110 18.99 -17.73 2.12
C LEU B 110 19.71 -19.06 2.29
N ARG B 111 18.95 -20.06 2.71
CA ARG B 111 19.48 -21.39 2.92
C ARG B 111 20.08 -21.90 1.60
N PHE B 112 19.31 -21.81 0.53
CA PHE B 112 19.78 -22.28 -0.77
C PHE B 112 20.96 -21.44 -1.28
N ALA B 113 20.89 -20.13 -1.02
CA ALA B 113 21.97 -19.25 -1.45
C ALA B 113 23.28 -19.65 -0.77
N ALA B 114 23.20 -19.95 0.53
CA ALA B 114 24.39 -20.35 1.30
C ALA B 114 25.02 -21.64 0.78
N LYS B 115 24.18 -22.62 0.47
CA LYS B 115 24.66 -23.90 -0.03
C LYS B 115 25.25 -23.73 -1.42
N LEU B 116 24.66 -22.84 -2.20
CA LEU B 116 25.13 -22.55 -3.55
C LEU B 116 26.55 -21.97 -3.47
N ILE B 117 26.73 -20.97 -2.61
CA ILE B 117 28.04 -20.35 -2.40
C ILE B 117 29.02 -21.47 -2.03
N GLU B 118 28.58 -22.32 -1.12
CA GLU B 118 29.42 -23.43 -0.68
C GLU B 118 29.85 -24.32 -1.83
N GLY B 119 28.91 -24.66 -2.70
CA GLY B 119 29.22 -25.51 -3.83
C GLY B 119 30.24 -24.87 -4.76
N VAL B 120 30.17 -23.56 -4.91
CA VAL B 120 31.10 -22.85 -5.78
C VAL B 120 32.51 -22.90 -5.18
N LEU B 121 32.62 -22.70 -3.88
CA LEU B 121 33.94 -22.74 -3.23
C LEU B 121 34.52 -24.14 -3.39
N ASP B 122 33.65 -25.13 -3.30
CA ASP B 122 34.08 -26.52 -3.45
C ASP B 122 34.67 -26.75 -4.83
N PHE B 123 34.04 -26.18 -5.83
CA PHE B 123 34.53 -26.31 -7.20
C PHE B 123 35.83 -25.51 -7.30
N LYS B 124 35.87 -24.36 -6.64
CA LYS B 124 37.04 -23.52 -6.67
C LYS B 124 38.28 -24.22 -6.11
N SER B 125 38.08 -25.15 -5.18
CA SER B 125 39.21 -25.89 -4.60
C SER B 125 40.00 -26.62 -5.66
N MET B 126 39.30 -27.19 -6.65
CA MET B 126 40.00 -27.90 -7.70
C MET B 126 40.75 -26.91 -8.58
N ILE B 127 40.20 -25.71 -8.71
CA ILE B 127 40.87 -24.70 -9.51
C ILE B 127 42.16 -24.23 -8.82
N ASP B 128 42.08 -23.93 -7.53
CA ASP B 128 43.26 -23.48 -6.79
C ASP B 128 44.30 -24.60 -6.64
N ASN B 129 43.82 -25.83 -6.54
CA ASN B 129 44.70 -26.99 -6.38
C ASN B 129 45.15 -27.57 -7.72
N GLU B 130 44.55 -27.09 -8.80
CA GLU B 130 44.88 -27.59 -10.13
C GLU B 130 44.62 -29.08 -10.20
N THR B 131 43.52 -29.51 -9.61
CA THR B 131 43.15 -30.93 -9.60
C THR B 131 41.90 -31.13 -10.45
N LEU B 132 41.53 -30.11 -11.20
CA LEU B 132 40.36 -30.17 -12.05
C LEU B 132 40.57 -31.26 -13.10
N PRO B 133 39.65 -32.25 -13.14
CA PRO B 133 39.71 -33.37 -14.08
C PRO B 133 39.89 -32.95 -15.54
N VAL B 134 40.70 -33.73 -16.26
CA VAL B 134 40.96 -33.47 -17.67
C VAL B 134 39.70 -33.71 -18.49
N GLU B 135 39.32 -32.72 -19.30
CA GLU B 135 38.14 -32.84 -20.14
C GLU B 135 38.53 -33.23 -21.56
N PHE B 136 37.63 -33.91 -22.25
CA PHE B 136 37.90 -34.36 -23.61
C PHE B 136 36.83 -33.95 -24.62
N LEU B 137 37.22 -33.96 -25.88
CA LEU B 137 36.32 -33.62 -26.97
C LEU B 137 36.90 -34.28 -28.22
N GLY B 138 36.13 -35.18 -28.80
CA GLY B 138 36.60 -35.89 -29.98
C GLY B 138 37.74 -36.81 -29.55
N GLY B 139 37.79 -37.12 -28.26
CA GLY B 139 38.83 -37.97 -27.73
C GLY B 139 40.14 -37.22 -27.52
N GLN B 140 40.07 -35.90 -27.50
CA GLN B 140 41.27 -35.10 -27.31
C GLN B 140 41.19 -34.25 -26.04
N PRO B 141 42.33 -34.09 -25.33
CA PRO B 141 42.36 -33.30 -24.09
C PRO B 141 42.01 -31.86 -24.45
N LEU B 142 41.31 -31.19 -23.53
CA LEU B 142 40.89 -29.81 -23.77
C LEU B 142 41.61 -28.82 -22.87
N CYS B 143 41.76 -27.61 -23.39
CA CYS B 143 42.39 -26.51 -22.68
C CYS B 143 41.55 -26.20 -21.45
N MET B 144 42.21 -25.90 -20.33
CA MET B 144 41.50 -25.62 -19.09
C MET B 144 41.72 -24.17 -18.65
N ASN B 145 42.32 -23.38 -19.51
CA ASN B 145 42.61 -21.99 -19.18
C ASN B 145 41.39 -21.18 -18.75
N GLN B 146 40.27 -21.37 -19.44
CA GLN B 146 39.06 -20.63 -19.13
C GLN B 146 38.64 -20.74 -17.67
N TYR B 147 38.90 -21.89 -17.04
CA TYR B 147 38.53 -22.04 -15.63
C TYR B 147 39.30 -21.10 -14.73
N TYR B 148 40.46 -20.64 -15.21
CA TYR B 148 41.28 -19.73 -14.45
C TYR B 148 41.01 -18.26 -14.80
N GLN B 149 39.86 -18.01 -15.38
CA GLN B 149 39.50 -16.65 -15.75
C GLN B 149 38.12 -16.30 -15.20
N ILE B 150 37.33 -17.31 -14.85
CA ILE B 150 35.97 -17.06 -14.37
C ILE B 150 35.81 -16.56 -12.93
N LEU B 151 36.65 -17.04 -12.01
CA LEU B 151 36.54 -16.62 -10.62
C LEU B 151 37.47 -15.45 -10.31
N SER B 152 37.07 -14.63 -9.35
CA SER B 152 37.87 -13.48 -8.93
C SER B 152 38.34 -12.65 -10.10
N SER B 153 37.41 -12.34 -10.99
CA SER B 153 37.75 -11.53 -12.16
C SER B 153 36.62 -10.56 -12.44
N CYS B 154 36.90 -9.58 -13.27
CA CYS B 154 35.91 -8.58 -13.60
C CYS B 154 36.33 -7.82 -14.84
N ARG B 155 35.36 -7.41 -15.63
CA ARG B 155 35.64 -6.64 -16.83
C ARG B 155 35.77 -5.21 -16.34
N VAL B 156 36.60 -4.42 -17.02
CA VAL B 156 36.80 -3.02 -16.65
C VAL B 156 36.56 -2.10 -17.83
N PRO B 157 35.61 -1.16 -17.71
CA PRO B 157 35.27 -0.20 -18.77
C PRO B 157 36.49 0.63 -19.17
N GLY B 158 36.66 0.84 -20.48
CA GLY B 158 37.78 1.64 -20.97
C GLY B 158 37.25 2.63 -21.99
N PRO B 159 37.86 3.83 -22.13
CA PRO B 159 37.34 4.80 -23.10
C PRO B 159 37.48 4.36 -24.57
N LYS B 160 38.46 3.53 -24.87
CA LYS B 160 38.67 3.06 -26.23
C LYS B 160 38.28 1.59 -26.36
N GLN B 161 38.72 0.77 -25.41
CA GLN B 161 38.39 -0.65 -25.39
C GLN B 161 38.45 -1.11 -23.94
N ASP B 162 37.71 -2.16 -23.62
CA ASP B 162 37.69 -2.64 -22.25
C ASP B 162 38.87 -3.52 -21.90
N SER B 163 39.03 -3.79 -20.62
CA SER B 163 40.10 -4.62 -20.12
C SER B 163 39.51 -5.57 -19.10
N VAL B 164 40.31 -6.52 -18.65
CA VAL B 164 39.85 -7.48 -17.66
C VAL B 164 40.88 -7.60 -16.55
N VAL B 165 40.40 -7.61 -15.31
CA VAL B 165 41.29 -7.78 -14.15
C VAL B 165 41.02 -9.17 -13.59
N ASN B 166 42.10 -9.89 -13.26
CA ASN B 166 42.00 -11.24 -12.71
C ASN B 166 42.88 -11.36 -11.47
N PHE B 167 42.24 -11.49 -10.31
CA PHE B 167 42.94 -11.60 -9.04
C PHE B 167 43.10 -13.01 -8.49
N LEU B 168 42.65 -14.01 -9.26
CA LEU B 168 42.72 -15.39 -8.82
C LEU B 168 44.09 -15.78 -8.25
N LYS B 169 45.14 -15.33 -8.93
CA LYS B 169 46.52 -15.63 -8.52
C LYS B 169 47.27 -14.44 -7.93
N SER B 170 46.55 -13.44 -7.43
CA SER B 170 47.23 -12.28 -6.85
C SER B 170 48.05 -12.72 -5.65
N LYS B 171 48.89 -11.82 -5.16
CA LYS B 171 49.74 -12.12 -4.00
C LYS B 171 48.81 -12.55 -2.86
N ARG B 172 47.80 -11.75 -2.60
CA ARG B 172 46.82 -12.05 -1.57
C ARG B 172 45.46 -12.24 -2.26
N PRO B 173 45.19 -13.46 -2.73
CA PRO B 173 43.95 -13.81 -3.42
C PRO B 173 42.70 -13.40 -2.63
N PRO B 174 41.68 -12.87 -3.32
CA PRO B 174 40.46 -12.47 -2.62
C PRO B 174 39.85 -13.70 -1.94
N THR B 175 39.23 -13.45 -0.79
CA THR B 175 38.61 -14.51 0.01
C THR B 175 37.16 -14.16 0.25
N HIS B 176 36.70 -13.10 -0.42
CA HIS B 176 35.34 -12.63 -0.26
C HIS B 176 34.55 -12.69 -1.57
N ILE B 177 33.24 -12.69 -1.43
CA ILE B 177 32.34 -12.66 -2.58
C ILE B 177 31.54 -11.40 -2.35
N THR B 178 30.77 -10.99 -3.34
CA THR B 178 29.91 -9.83 -3.15
C THR B 178 28.48 -10.35 -3.15
N VAL B 179 27.64 -9.75 -2.31
CA VAL B 179 26.24 -10.12 -2.19
C VAL B 179 25.48 -8.82 -2.38
N VAL B 180 24.47 -8.85 -3.25
CA VAL B 180 23.68 -7.67 -3.54
C VAL B 180 22.22 -7.92 -3.16
N HIS B 181 21.67 -7.06 -2.31
CA HIS B 181 20.28 -7.17 -1.89
C HIS B 181 19.72 -5.76 -1.91
N ASN B 182 18.63 -5.57 -2.64
CA ASN B 182 18.02 -4.25 -2.77
C ASN B 182 19.02 -3.21 -3.26
N TYR B 183 19.78 -3.59 -4.28
CA TYR B 183 20.78 -2.70 -4.87
C TYR B 183 22.01 -2.41 -4.01
N GLN B 184 22.00 -2.90 -2.77
CA GLN B 184 23.11 -2.65 -1.84
C GLN B 184 24.13 -3.80 -1.82
N PHE B 185 25.38 -3.46 -2.11
CA PHE B 185 26.45 -4.45 -2.13
C PHE B 185 27.12 -4.66 -0.79
N PHE B 186 27.53 -5.90 -0.54
CA PHE B 186 28.19 -6.26 0.70
C PHE B 186 29.39 -7.15 0.42
N GLU B 187 30.47 -6.92 1.16
CA GLU B 187 31.67 -7.73 1.04
C GLU B 187 31.56 -8.87 2.05
N LEU B 188 31.53 -10.10 1.57
CA LEU B 188 31.39 -11.25 2.45
C LEU B 188 32.54 -12.24 2.37
N ASP B 189 33.37 -12.30 3.41
CA ASP B 189 34.45 -13.27 3.39
C ASP B 189 33.84 -14.65 3.52
N VAL B 190 34.32 -15.58 2.70
CA VAL B 190 33.84 -16.95 2.69
C VAL B 190 34.93 -17.92 3.07
N TYR B 191 35.99 -17.38 3.66
CA TYR B 191 37.11 -18.18 4.13
C TYR B 191 37.46 -17.66 5.50
N HIS B 192 37.89 -18.57 6.36
CA HIS B 192 38.28 -18.19 7.71
C HIS B 192 39.72 -17.73 7.65
N SER B 193 40.17 -17.14 8.74
CA SER B 193 41.54 -16.66 8.82
C SER B 193 42.51 -17.80 8.53
N ASP B 194 42.17 -19.01 8.96
CA ASP B 194 43.03 -20.17 8.74
C ASP B 194 43.04 -20.71 7.31
N GLY B 195 42.19 -20.16 6.46
CA GLY B 195 42.15 -20.62 5.08
C GLY B 195 41.03 -21.59 4.80
N THR B 196 40.36 -22.09 5.83
CA THR B 196 39.27 -23.02 5.62
C THR B 196 38.03 -22.24 5.20
N PRO B 197 37.26 -22.80 4.25
CA PRO B 197 36.05 -22.15 3.77
C PRO B 197 34.97 -22.15 4.84
N LEU B 198 34.14 -21.13 4.82
CA LEU B 198 33.03 -21.05 5.75
C LEU B 198 32.08 -22.19 5.40
N THR B 199 31.34 -22.69 6.38
CA THR B 199 30.38 -23.76 6.14
C THR B 199 29.09 -23.13 5.62
N SER B 200 28.20 -23.95 5.08
CA SER B 200 26.94 -23.44 4.56
C SER B 200 26.15 -22.74 5.69
N ASP B 201 26.24 -23.29 6.89
CA ASP B 201 25.56 -22.74 8.06
C ASP B 201 26.15 -21.37 8.41
N GLN B 202 27.47 -21.27 8.34
CA GLN B 202 28.13 -20.01 8.66
C GLN B 202 27.79 -18.95 7.61
N ILE B 203 27.78 -19.36 6.34
CA ILE B 203 27.44 -18.45 5.25
C ILE B 203 26.01 -17.99 5.45
N PHE B 204 25.15 -18.92 5.85
CA PHE B 204 23.75 -18.61 6.09
C PHE B 204 23.62 -17.49 7.14
N VAL B 205 24.34 -17.65 8.25
CA VAL B 205 24.32 -16.65 9.31
C VAL B 205 24.68 -15.28 8.74
N GLN B 206 25.74 -15.23 7.94
CA GLN B 206 26.20 -13.99 7.32
C GLN B 206 25.16 -13.42 6.36
N LEU B 207 24.49 -14.29 5.61
CA LEU B 207 23.47 -13.83 4.67
C LEU B 207 22.37 -13.13 5.44
N GLU B 208 21.97 -13.69 6.57
CA GLU B 208 20.91 -13.08 7.35
C GLU B 208 21.30 -11.68 7.78
N LYS B 209 22.55 -11.49 8.19
CA LYS B 209 23.01 -10.17 8.63
C LYS B 209 22.95 -9.21 7.44
N ILE B 210 23.46 -9.66 6.31
CA ILE B 210 23.46 -8.85 5.10
C ILE B 210 22.02 -8.45 4.78
N TRP B 211 21.13 -9.43 4.75
CA TRP B 211 19.72 -9.19 4.46
C TRP B 211 19.08 -8.17 5.40
N ASN B 212 19.27 -8.36 6.69
CA ASN B 212 18.71 -7.43 7.66
C ASN B 212 19.38 -6.07 7.60
N SER B 213 20.54 -6.00 6.95
CA SER B 213 21.25 -4.73 6.83
C SER B 213 20.92 -4.03 5.51
N SER B 214 19.95 -4.57 4.78
CA SER B 214 19.55 -3.99 3.51
C SER B 214 18.06 -4.22 3.26
N LEU B 215 17.27 -4.09 4.31
CA LEU B 215 15.83 -4.29 4.25
C LEU B 215 15.11 -3.27 3.39
N GLN B 216 15.59 -2.03 3.40
CA GLN B 216 14.97 -0.97 2.61
C GLN B 216 15.66 -0.75 1.28
N SER B 217 14.89 -0.28 0.31
CA SER B 217 15.43 -0.01 -1.02
C SER B 217 15.49 1.50 -1.24
N ASN B 218 16.11 2.20 -0.31
CA ASN B 218 16.24 3.65 -0.39
C ASN B 218 17.66 4.03 -0.82
N LYS B 219 18.21 3.29 -1.78
CA LYS B 219 19.55 3.56 -2.27
C LYS B 219 19.56 3.53 -3.80
N GLU B 220 20.32 4.44 -4.39
CA GLU B 220 20.43 4.52 -5.84
C GLU B 220 21.00 3.22 -6.40
N PRO B 221 20.45 2.72 -7.51
CA PRO B 221 20.93 1.48 -8.11
C PRO B 221 22.22 1.71 -8.90
N VAL B 222 23.31 1.93 -8.19
CA VAL B 222 24.61 2.19 -8.82
C VAL B 222 25.02 1.09 -9.79
N GLY B 223 24.67 -0.15 -9.46
CA GLY B 223 25.03 -1.26 -10.34
C GLY B 223 24.41 -1.17 -11.72
N ILE B 224 23.31 -0.43 -11.84
CA ILE B 224 22.66 -0.34 -13.13
C ILE B 224 23.51 0.39 -14.16
N LEU B 225 24.55 1.09 -13.69
CA LEU B 225 25.44 1.81 -14.60
C LEU B 225 26.18 0.83 -15.52
N THR B 226 26.43 -0.38 -15.01
CA THR B 226 27.14 -1.40 -15.77
C THR B 226 26.36 -1.96 -16.95
N SER B 227 25.10 -1.59 -17.07
CA SER B 227 24.27 -2.08 -18.17
C SER B 227 24.23 -1.13 -19.37
N ASN B 228 24.88 0.02 -19.24
CA ASN B 228 24.87 0.99 -20.33
C ASN B 228 25.91 0.72 -21.42
N HIS B 229 25.85 1.53 -22.47
CA HIS B 229 26.77 1.43 -23.60
C HIS B 229 28.18 1.58 -23.00
N ARG B 230 29.15 0.85 -23.53
CA ARG B 230 30.50 0.90 -23.00
C ARG B 230 31.15 2.27 -23.07
N ASN B 231 30.84 3.04 -24.11
CA ASN B 231 31.40 4.37 -24.22
C ASN B 231 30.85 5.17 -23.05
N THR B 232 29.53 5.06 -22.85
CA THR B 232 28.86 5.78 -21.77
C THR B 232 29.32 5.31 -20.39
N TRP B 233 29.38 3.99 -20.21
CA TRP B 233 29.79 3.41 -18.93
C TRP B 233 31.25 3.78 -18.61
N ALA B 234 32.11 3.75 -19.62
CA ALA B 234 33.52 4.10 -19.43
C ALA B 234 33.65 5.49 -18.77
N LYS B 235 32.88 6.44 -19.27
CA LYS B 235 32.91 7.80 -18.74
C LYS B 235 32.25 7.89 -17.37
N ALA B 236 31.10 7.23 -17.21
CA ALA B 236 30.40 7.26 -15.92
C ALA B 236 31.23 6.52 -14.86
N TYR B 237 31.97 5.52 -15.31
CA TYR B 237 32.82 4.73 -14.41
C TYR B 237 33.96 5.57 -13.88
N ASN B 238 34.65 6.24 -14.79
CA ASN B 238 35.76 7.11 -14.45
C ASN B 238 35.32 8.16 -13.44
N ASN B 239 34.13 8.71 -13.64
CA ASN B 239 33.62 9.72 -12.73
C ASN B 239 33.20 9.13 -11.39
N LEU B 240 32.65 7.92 -11.43
CA LEU B 240 32.19 7.24 -10.23
C LEU B 240 33.36 6.98 -9.27
N ILE B 241 34.47 6.51 -9.80
CA ILE B 241 35.63 6.19 -8.98
C ILE B 241 36.53 7.36 -8.61
N LYS B 242 36.09 8.59 -8.87
CA LYS B 242 36.89 9.75 -8.50
C LYS B 242 36.88 9.84 -6.99
N ASP B 243 35.75 9.49 -6.37
CA ASP B 243 35.60 9.52 -4.92
C ASP B 243 36.32 8.29 -4.35
N LYS B 244 37.07 8.46 -3.26
CA LYS B 244 37.80 7.33 -2.69
C LYS B 244 36.89 6.20 -2.18
N VAL B 245 35.80 6.54 -1.49
CA VAL B 245 34.88 5.53 -0.99
C VAL B 245 34.32 4.71 -2.14
N ASN B 246 33.85 5.38 -3.18
CA ASN B 246 33.29 4.72 -4.35
C ASN B 246 34.34 3.83 -4.99
N ARG B 247 35.57 4.30 -5.00
CA ARG B 247 36.65 3.55 -5.61
C ARG B 247 36.94 2.28 -4.83
N GLU B 248 36.82 2.35 -3.51
CA GLU B 248 37.07 1.18 -2.65
C GLU B 248 35.93 0.19 -2.81
N SER B 249 34.70 0.69 -2.90
CA SER B 249 33.55 -0.18 -3.06
C SER B 249 33.65 -0.90 -4.39
N VAL B 250 34.04 -0.18 -5.44
CA VAL B 250 34.18 -0.80 -6.77
C VAL B 250 35.31 -1.82 -6.75
N ASN B 251 36.40 -1.48 -6.07
CA ASN B 251 37.55 -2.37 -5.97
C ASN B 251 37.15 -3.70 -5.33
N SER B 252 36.37 -3.63 -4.26
CA SER B 252 35.92 -4.82 -3.58
C SER B 252 35.09 -5.69 -4.52
N ILE B 253 34.16 -5.05 -5.23
CA ILE B 253 33.32 -5.77 -6.18
C ILE B 253 34.17 -6.45 -7.25
N GLN B 254 35.09 -5.69 -7.85
CA GLN B 254 35.94 -6.26 -8.90
C GLN B 254 36.79 -7.43 -8.41
N LYS B 255 37.21 -7.39 -7.15
CA LYS B 255 38.02 -8.46 -6.60
C LYS B 255 37.23 -9.68 -6.12
N SER B 256 35.96 -9.50 -5.76
CA SER B 256 35.17 -10.63 -5.26
C SER B 256 35.27 -11.91 -6.10
N ILE B 257 35.26 -13.07 -5.44
CA ILE B 257 35.37 -14.34 -6.14
C ILE B 257 34.22 -14.44 -7.15
N PHE B 258 33.05 -13.97 -6.74
CA PHE B 258 31.87 -13.95 -7.59
C PHE B 258 30.80 -13.15 -6.86
N THR B 259 29.71 -12.84 -7.56
CA THR B 259 28.65 -12.08 -6.94
C THR B 259 27.40 -12.93 -6.80
N VAL B 260 26.66 -12.70 -5.72
CA VAL B 260 25.42 -13.39 -5.46
C VAL B 260 24.35 -12.33 -5.31
N CYS B 261 23.34 -12.42 -6.16
CA CYS B 261 22.23 -11.46 -6.13
C CYS B 261 21.00 -12.05 -5.51
N LEU B 262 20.51 -11.42 -4.45
CA LEU B 262 19.30 -11.87 -3.79
C LEU B 262 18.19 -10.97 -4.29
N ASP B 263 17.52 -11.41 -5.36
CA ASP B 263 16.46 -10.64 -6.00
C ASP B 263 15.18 -10.51 -5.19
N LYS B 264 14.47 -9.40 -5.39
CA LYS B 264 13.24 -9.15 -4.67
C LYS B 264 12.04 -9.71 -5.39
N GLN B 265 10.90 -9.74 -4.69
CA GLN B 265 9.66 -10.24 -5.27
C GLN B 265 9.25 -9.44 -6.49
N VAL B 266 8.80 -10.13 -7.52
CA VAL B 266 8.36 -9.49 -8.75
C VAL B 266 6.87 -9.79 -8.97
N PRO B 267 6.17 -8.90 -9.67
CA PRO B 267 4.74 -9.07 -9.96
C PRO B 267 4.38 -10.42 -10.58
N ARG B 268 3.19 -10.90 -10.25
CA ARG B 268 2.68 -12.18 -10.75
C ARG B 268 2.33 -12.07 -12.23
N VAL B 269 2.70 -13.10 -13.00
CA VAL B 269 2.41 -13.12 -14.42
C VAL B 269 1.79 -14.46 -14.83
N SER B 270 1.16 -14.48 -16.00
CA SER B 270 0.53 -15.70 -16.50
C SER B 270 1.56 -16.81 -16.66
N ASP B 271 1.15 -18.04 -16.34
CA ASP B 271 2.03 -19.20 -16.42
C ASP B 271 2.69 -19.38 -17.77
N ASP B 272 1.94 -19.16 -18.85
CA ASP B 272 2.47 -19.32 -20.20
C ASP B 272 3.68 -18.43 -20.50
N VAL B 273 3.79 -17.28 -19.81
CA VAL B 273 4.91 -16.37 -20.02
C VAL B 273 5.86 -16.34 -18.84
N TYR B 274 5.63 -17.23 -17.87
CA TYR B 274 6.48 -17.29 -16.68
C TYR B 274 7.96 -17.42 -17.00
N ARG B 275 8.36 -18.57 -17.55
CA ARG B 275 9.77 -18.79 -17.90
C ARG B 275 10.36 -17.71 -18.78
N ASN B 276 9.53 -17.05 -19.59
CA ASN B 276 10.04 -15.99 -20.44
C ASN B 276 10.43 -14.81 -19.57
N HIS B 277 9.66 -14.56 -18.52
CA HIS B 277 9.96 -13.44 -17.63
C HIS B 277 11.16 -13.75 -16.75
N VAL B 278 11.27 -15.01 -16.31
CA VAL B 278 12.40 -15.41 -15.48
C VAL B 278 13.67 -15.28 -16.31
N ALA B 279 13.59 -15.62 -17.59
CA ALA B 279 14.74 -15.51 -18.48
C ALA B 279 15.19 -14.05 -18.55
N GLY B 280 14.22 -13.15 -18.61
CA GLY B 280 14.55 -11.74 -18.65
C GLY B 280 15.23 -11.33 -17.36
N GLN B 281 14.69 -11.80 -16.24
CA GLN B 281 15.25 -11.47 -14.92
C GLN B 281 16.70 -11.89 -14.83
N MET B 282 17.00 -13.06 -15.38
CA MET B 282 18.35 -13.60 -15.36
C MET B 282 19.28 -12.92 -16.36
N LEU B 283 18.74 -12.53 -17.49
CA LEU B 283 19.53 -11.89 -18.53
C LEU B 283 19.80 -10.41 -18.29
N HIS B 284 18.77 -9.66 -17.96
CA HIS B 284 18.93 -8.23 -17.77
C HIS B 284 18.40 -7.67 -16.45
N GLY B 285 17.73 -8.50 -15.65
CA GLY B 285 17.21 -8.05 -14.38
C GLY B 285 15.76 -7.61 -14.39
N GLY B 286 15.19 -7.43 -15.57
CA GLY B 286 13.79 -7.03 -15.64
C GLY B 286 13.49 -5.54 -15.67
N GLY B 287 14.45 -4.69 -15.30
CA GLY B 287 14.19 -3.28 -15.33
C GLY B 287 14.61 -2.55 -14.06
N SER B 288 14.69 -1.22 -14.13
CA SER B 288 15.10 -0.41 -12.99
C SER B 288 14.24 -0.54 -11.75
N LYS B 289 12.97 -0.91 -11.90
CA LYS B 289 12.12 -1.02 -10.72
C LYS B 289 11.97 -2.46 -10.27
N PHE B 290 12.82 -3.33 -10.79
CA PHE B 290 12.79 -4.74 -10.43
C PHE B 290 14.12 -5.21 -9.83
N ASN B 291 14.95 -5.85 -10.65
CA ASN B 291 16.23 -6.37 -10.16
C ASN B 291 17.45 -6.00 -11.01
N SER B 292 17.28 -5.14 -12.01
CA SER B 292 18.41 -4.75 -12.84
C SER B 292 19.47 -3.97 -12.06
N GLY B 293 19.05 -3.29 -10.99
CA GLY B 293 19.99 -2.54 -10.19
C GLY B 293 20.67 -3.43 -9.16
N ASN B 294 20.14 -4.63 -8.98
CA ASN B 294 20.68 -5.58 -8.02
C ASN B 294 21.69 -6.43 -8.78
N ARG B 295 22.53 -5.75 -9.55
CA ARG B 295 23.53 -6.41 -10.40
C ARG B 295 24.78 -5.57 -10.61
N TRP B 296 25.82 -6.21 -11.11
CA TRP B 296 27.06 -5.55 -11.49
C TRP B 296 27.49 -6.40 -12.68
N PHE B 297 27.03 -6.00 -13.86
CA PHE B 297 27.29 -6.75 -15.08
C PHE B 297 28.72 -6.87 -15.57
N ASP B 298 29.65 -6.13 -14.96
CA ASP B 298 31.05 -6.27 -15.34
C ASP B 298 31.62 -7.54 -14.67
N LYS B 299 31.00 -7.94 -13.57
CA LYS B 299 31.44 -9.14 -12.84
C LYS B 299 31.32 -10.39 -13.71
N THR B 300 32.38 -11.20 -13.74
CA THR B 300 32.37 -12.41 -14.57
C THR B 300 31.29 -13.41 -14.21
N LEU B 301 31.11 -13.67 -12.93
CA LEU B 301 30.10 -14.63 -12.49
C LEU B 301 29.10 -14.03 -11.52
N GLN B 302 27.84 -14.02 -11.92
CA GLN B 302 26.78 -13.51 -11.06
C GLN B 302 25.72 -14.61 -10.90
N PHE B 303 25.51 -15.05 -9.67
CA PHE B 303 24.51 -16.07 -9.40
C PHE B 303 23.30 -15.33 -8.83
N ILE B 304 22.13 -15.65 -9.36
CA ILE B 304 20.90 -15.00 -8.96
C ILE B 304 19.93 -15.95 -8.25
N VAL B 305 19.43 -15.53 -7.09
CA VAL B 305 18.49 -16.33 -6.31
C VAL B 305 17.24 -15.52 -6.05
N ALA B 306 16.20 -15.74 -6.84
CA ALA B 306 14.95 -14.99 -6.71
C ALA B 306 14.14 -15.36 -5.48
N GLU B 307 13.17 -14.50 -5.16
CA GLU B 307 12.31 -14.73 -4.01
C GLU B 307 11.32 -15.87 -4.20
N ASP B 308 10.86 -16.10 -5.43
CA ASP B 308 9.89 -17.15 -5.68
C ASP B 308 10.47 -18.55 -5.92
N GLY B 309 11.76 -18.71 -5.69
CA GLY B 309 12.38 -20.01 -5.88
C GLY B 309 13.19 -20.13 -7.16
N SER B 310 13.00 -19.18 -8.06
CA SER B 310 13.73 -19.19 -9.31
C SER B 310 15.17 -18.79 -9.07
N CYS B 311 16.06 -19.37 -9.86
CA CYS B 311 17.47 -19.08 -9.73
C CYS B 311 18.15 -19.24 -11.07
N GLY B 312 19.30 -18.59 -11.21
CA GLY B 312 20.05 -18.68 -12.45
C GLY B 312 21.33 -17.86 -12.35
N MET B 313 21.80 -17.36 -13.48
CA MET B 313 23.02 -16.56 -13.51
C MET B 313 23.22 -15.85 -14.84
N VAL B 314 24.21 -14.98 -14.87
CA VAL B 314 24.60 -14.23 -16.06
C VAL B 314 26.10 -14.06 -15.94
N TYR B 315 26.82 -14.37 -17.00
CA TYR B 315 28.25 -14.23 -16.95
C TYR B 315 28.83 -13.34 -18.03
N GLU B 316 29.93 -12.67 -17.70
CA GLU B 316 30.61 -11.77 -18.61
C GLU B 316 31.37 -12.69 -19.57
N HIS B 317 30.99 -12.63 -20.84
CA HIS B 317 31.54 -13.48 -21.89
C HIS B 317 33.03 -13.40 -22.24
N ALA B 318 33.69 -12.31 -21.91
CA ALA B 318 35.11 -12.18 -22.25
C ALA B 318 35.95 -13.29 -21.61
N ALA B 319 35.52 -13.74 -20.43
CA ALA B 319 36.23 -14.78 -19.69
C ALA B 319 36.20 -16.18 -20.27
N ALA B 320 35.06 -16.59 -20.82
CA ALA B 320 34.98 -17.94 -21.36
C ALA B 320 33.68 -18.22 -22.08
N GLU B 321 33.55 -19.48 -22.51
CA GLU B 321 32.35 -19.92 -23.18
C GLU B 321 31.46 -20.61 -22.18
N GLY B 322 30.38 -21.21 -22.67
CA GLY B 322 29.42 -21.87 -21.83
C GLY B 322 29.82 -23.19 -21.19
N PRO B 323 30.41 -24.13 -21.95
CA PRO B 323 30.78 -25.40 -21.32
C PRO B 323 31.47 -25.28 -19.96
N PRO B 324 32.56 -24.50 -19.88
CA PRO B 324 33.23 -24.35 -18.58
C PRO B 324 32.29 -23.80 -17.51
N ILE B 325 31.40 -22.90 -17.90
CA ILE B 325 30.46 -22.32 -16.96
C ILE B 325 29.49 -23.39 -16.46
N VAL B 326 28.96 -24.21 -17.37
CA VAL B 326 28.03 -25.26 -16.96
C VAL B 326 28.70 -26.39 -16.18
N ALA B 327 30.00 -26.57 -16.37
CA ALA B 327 30.70 -27.62 -15.63
C ALA B 327 30.64 -27.20 -14.17
N LEU B 328 30.74 -25.90 -13.93
CA LEU B 328 30.68 -25.36 -12.58
C LEU B 328 29.23 -25.47 -12.10
N VAL B 329 28.30 -25.13 -12.97
CA VAL B 329 26.89 -25.22 -12.65
C VAL B 329 26.52 -26.64 -12.23
N ASP B 330 26.93 -27.63 -13.03
CA ASP B 330 26.61 -29.01 -12.71
C ASP B 330 27.21 -29.42 -11.37
N HIS B 331 28.43 -28.97 -11.10
CA HIS B 331 29.09 -29.30 -9.84
C HIS B 331 28.35 -28.65 -8.67
N VAL B 332 28.05 -27.37 -8.82
CA VAL B 332 27.36 -26.61 -7.78
C VAL B 332 25.95 -27.15 -7.47
N MET B 333 25.14 -27.33 -8.52
CA MET B 333 23.79 -27.85 -8.32
C MET B 333 23.81 -29.21 -7.63
N GLU B 334 24.68 -30.10 -8.10
CA GLU B 334 24.81 -31.42 -7.52
C GLU B 334 25.18 -31.31 -6.03
N TYR B 335 26.02 -30.33 -5.71
CA TYR B 335 26.46 -30.10 -4.34
C TYR B 335 25.30 -29.68 -3.43
N THR B 336 24.44 -28.80 -3.95
CA THR B 336 23.29 -28.33 -3.18
C THR B 336 22.30 -29.45 -2.90
N LYS B 337 22.47 -30.56 -3.59
CA LYS B 337 21.57 -31.70 -3.40
C LYS B 337 22.10 -32.63 -2.31
N LYS B 338 23.36 -32.45 -1.94
CA LYS B 338 23.98 -33.29 -0.90
C LYS B 338 23.29 -33.16 0.45
N PRO B 339 23.24 -34.26 1.21
CA PRO B 339 22.62 -34.30 2.54
C PRO B 339 23.26 -33.31 3.51
N GLU B 340 22.75 -33.29 4.74
CA GLU B 340 23.27 -32.40 5.76
C GLU B 340 24.09 -33.20 6.79
N LEU B 341 25.19 -33.77 6.31
CA LEU B 341 26.08 -34.57 7.16
C LEU B 341 27.06 -33.66 7.91
N VAL B 342 27.55 -32.64 7.22
CA VAL B 342 28.49 -31.69 7.81
C VAL B 342 27.75 -30.50 8.43
N ARG B 343 27.05 -30.77 9.53
CA ARG B 343 26.28 -29.75 10.24
C ARG B 343 26.72 -29.67 11.70
N SER B 344 27.83 -28.99 11.94
CA SER B 344 28.39 -28.82 13.28
C SER B 344 28.31 -27.35 13.72
N PRO B 345 28.52 -27.09 15.03
CA PRO B 345 28.46 -25.72 15.54
C PRO B 345 29.47 -24.78 14.86
N MET B 346 29.09 -23.51 14.75
CA MET B 346 29.94 -22.53 14.11
C MET B 346 30.87 -21.81 15.07
N VAL B 347 31.35 -20.66 14.61
CA VAL B 347 32.27 -19.85 15.38
C VAL B 347 31.88 -18.37 15.26
N PRO B 348 32.52 -17.49 16.04
CA PRO B 348 32.21 -16.06 15.97
C PRO B 348 32.48 -15.55 14.56
N LEU B 349 31.55 -14.78 14.01
CA LEU B 349 31.70 -14.23 12.67
C LEU B 349 31.57 -12.73 12.65
N PRO B 350 32.36 -12.06 11.80
CA PRO B 350 32.31 -10.60 11.71
C PRO B 350 31.09 -10.14 10.92
N MET B 351 30.84 -8.84 10.93
CA MET B 351 29.74 -8.25 10.21
C MET B 351 30.17 -7.93 8.79
N PRO B 352 29.52 -8.56 7.79
CA PRO B 352 29.91 -8.29 6.41
C PRO B 352 29.91 -6.78 6.15
N LYS B 353 30.92 -6.29 5.44
CA LYS B 353 31.03 -4.86 5.17
C LYS B 353 30.14 -4.36 4.04
N LYS B 354 29.31 -3.36 4.33
CA LYS B 354 28.46 -2.80 3.29
C LYS B 354 29.35 -1.91 2.43
N LEU B 355 29.20 -1.99 1.12
CA LEU B 355 29.99 -1.18 0.20
C LEU B 355 29.20 0.05 -0.25
N ARG B 356 29.31 1.12 0.53
CA ARG B 356 28.63 2.37 0.26
C ARG B 356 29.13 3.11 -0.97
N PHE B 357 28.29 4.02 -1.45
CA PHE B 357 28.59 4.85 -2.61
C PHE B 357 28.18 6.28 -2.30
N ASN B 358 29.04 7.24 -2.63
CA ASN B 358 28.71 8.64 -2.43
C ASN B 358 28.11 9.10 -3.74
N ILE B 359 26.82 9.40 -3.74
CA ILE B 359 26.14 9.81 -4.96
C ILE B 359 26.06 11.32 -5.17
N THR B 360 26.69 11.79 -6.24
CA THR B 360 26.66 13.21 -6.55
C THR B 360 25.55 13.47 -7.56
N PRO B 361 25.26 14.74 -7.84
CA PRO B 361 24.21 15.01 -8.82
C PRO B 361 24.60 14.42 -10.17
N GLU B 362 25.91 14.38 -10.43
CA GLU B 362 26.44 13.83 -11.69
C GLU B 362 26.26 12.31 -11.76
N ILE B 363 26.53 11.60 -10.66
CA ILE B 363 26.40 10.15 -10.65
C ILE B 363 24.91 9.80 -10.73
N LYS B 364 24.09 10.59 -10.04
CA LYS B 364 22.65 10.36 -10.05
C LYS B 364 22.14 10.49 -11.48
N ASN B 365 22.62 11.51 -12.17
CA ASN B 365 22.24 11.73 -13.55
C ASN B 365 22.62 10.53 -14.40
N ASP B 366 23.86 10.05 -14.22
CA ASP B 366 24.33 8.90 -14.97
C ASP B 366 23.44 7.69 -14.72
N ILE B 367 23.06 7.51 -13.46
CA ILE B 367 22.20 6.39 -13.09
C ILE B 367 20.86 6.48 -13.80
N GLU B 368 20.26 7.66 -13.80
CA GLU B 368 18.97 7.85 -14.46
C GLU B 368 19.06 7.53 -15.95
N LYS B 369 20.18 7.91 -16.55
CA LYS B 369 20.40 7.67 -17.98
C LYS B 369 20.53 6.16 -18.22
N ALA B 370 21.24 5.47 -17.33
CA ALA B 370 21.41 4.04 -17.49
C ALA B 370 20.03 3.39 -17.44
N LYS B 371 19.17 3.85 -16.53
CA LYS B 371 17.82 3.30 -16.42
C LYS B 371 17.07 3.44 -17.73
N GLN B 372 17.15 4.64 -18.31
CA GLN B 372 16.48 4.94 -19.57
C GLN B 372 17.00 4.05 -20.69
N ASN B 373 18.33 3.96 -20.81
CA ASN B 373 18.94 3.15 -21.85
C ASN B 373 18.51 1.70 -21.74
N LEU B 374 18.51 1.18 -20.52
CA LEU B 374 18.16 -0.21 -20.26
C LEU B 374 16.68 -0.46 -20.52
N SER B 375 15.85 0.53 -20.20
CA SER B 375 14.42 0.41 -20.40
C SER B 375 14.17 0.17 -21.90
N ILE B 376 14.91 0.88 -22.73
CA ILE B 376 14.79 0.74 -24.16
C ILE B 376 15.26 -0.63 -24.63
N MET B 377 16.38 -1.08 -24.08
CA MET B 377 16.95 -2.38 -24.42
C MET B 377 15.97 -3.52 -24.11
N ILE B 378 15.42 -3.50 -22.92
CA ILE B 378 14.48 -4.52 -22.44
C ILE B 378 13.20 -4.52 -23.27
N GLN B 379 12.63 -3.35 -23.49
CA GLN B 379 11.41 -3.24 -24.28
C GLN B 379 11.58 -3.79 -25.69
N ASP B 380 12.79 -3.70 -26.24
CA ASP B 380 13.04 -4.19 -27.59
C ASP B 380 13.40 -5.68 -27.65
N LEU B 381 13.53 -6.31 -26.49
CA LEU B 381 13.87 -7.73 -26.46
C LEU B 381 12.61 -8.62 -26.44
N ASP B 382 12.62 -9.58 -27.35
CA ASP B 382 11.53 -10.55 -27.50
C ASP B 382 12.11 -11.93 -27.21
N ILE B 383 11.74 -12.49 -26.06
CA ILE B 383 12.24 -13.80 -25.66
C ILE B 383 11.16 -14.87 -25.62
N MET B 384 11.49 -16.04 -26.17
CA MET B 384 10.57 -17.17 -26.13
C MET B 384 11.35 -18.38 -25.67
N MET B 385 10.95 -18.93 -24.53
CA MET B 385 11.59 -20.11 -24.00
C MET B 385 10.73 -21.28 -24.47
N LEU B 386 11.37 -22.37 -24.87
CA LEU B 386 10.66 -23.55 -25.35
C LEU B 386 11.24 -24.84 -24.81
N THR B 387 10.41 -25.59 -24.10
CA THR B 387 10.80 -26.87 -23.56
C THR B 387 10.27 -27.91 -24.54
N PHE B 388 11.18 -28.51 -25.31
CA PHE B 388 10.81 -29.54 -26.29
C PHE B 388 10.77 -30.90 -25.58
N HIS B 389 9.60 -31.27 -25.06
CA HIS B 389 9.45 -32.54 -24.34
C HIS B 389 9.32 -33.76 -25.24
N HIS B 390 8.89 -33.53 -26.48
CA HIS B 390 8.68 -34.60 -27.44
C HIS B 390 9.81 -35.62 -27.46
N PHE B 391 11.04 -35.13 -27.45
CA PHE B 391 12.20 -36.01 -27.44
C PHE B 391 13.51 -35.23 -27.34
N GLY B 392 14.62 -35.96 -27.23
CA GLY B 392 15.91 -35.33 -27.11
C GLY B 392 16.95 -36.01 -27.96
N LYS B 393 18.11 -36.30 -27.38
CA LYS B 393 19.19 -36.96 -28.10
C LYS B 393 18.82 -38.39 -28.48
N ASP B 394 17.95 -39.00 -27.67
CA ASP B 394 17.51 -40.37 -27.90
C ASP B 394 17.06 -40.71 -29.32
N PHE B 395 16.12 -39.95 -29.86
CA PHE B 395 15.63 -40.23 -31.20
C PHE B 395 16.72 -40.11 -32.26
N PRO B 396 17.40 -38.96 -32.35
CA PRO B 396 18.46 -38.79 -33.35
C PRO B 396 19.45 -39.95 -33.27
N LYS B 397 19.86 -40.29 -32.05
CA LYS B 397 20.81 -41.38 -31.87
C LYS B 397 20.25 -42.72 -32.33
N SER B 398 18.98 -42.99 -32.05
CA SER B 398 18.41 -44.26 -32.49
C SER B 398 18.46 -44.32 -34.02
N GLU B 399 18.40 -43.16 -34.65
CA GLU B 399 18.46 -43.08 -36.09
C GLU B 399 19.91 -43.08 -36.57
N LYS B 400 20.83 -43.22 -35.61
CA LYS B 400 22.27 -43.21 -35.92
C LYS B 400 22.62 -41.86 -36.54
N LEU B 401 22.05 -40.80 -35.99
CA LEU B 401 22.28 -39.46 -36.48
C LEU B 401 22.72 -38.54 -35.35
N SER B 402 23.62 -37.62 -35.68
CA SER B 402 24.12 -36.67 -34.69
C SER B 402 22.98 -35.78 -34.22
N PRO B 403 22.72 -35.77 -32.90
CA PRO B 403 21.66 -34.96 -32.31
C PRO B 403 21.81 -33.46 -32.59
N ASP B 404 23.02 -32.93 -32.47
CA ASP B 404 23.23 -31.52 -32.71
C ASP B 404 22.98 -31.17 -34.17
N ALA B 405 23.51 -32.00 -35.07
CA ALA B 405 23.31 -31.79 -36.50
C ALA B 405 21.82 -31.91 -36.82
N PHE B 406 21.13 -32.83 -36.16
CA PHE B 406 19.70 -33.02 -36.36
C PHE B 406 18.96 -31.74 -35.98
N ILE B 407 19.33 -31.16 -34.85
CA ILE B 407 18.72 -29.93 -34.36
C ILE B 407 19.05 -28.75 -35.28
N GLN B 408 20.30 -28.64 -35.69
CA GLN B 408 20.72 -27.56 -36.58
C GLN B 408 20.02 -27.68 -37.94
N VAL B 409 19.90 -28.90 -38.46
CA VAL B 409 19.23 -29.07 -39.74
C VAL B 409 17.76 -28.68 -39.57
N ALA B 410 17.15 -29.07 -38.45
CA ALA B 410 15.75 -28.73 -38.19
C ALA B 410 15.57 -27.22 -38.12
N LEU B 411 16.51 -26.52 -37.49
CA LEU B 411 16.41 -25.07 -37.40
C LEU B 411 16.45 -24.50 -38.81
N GLN B 412 17.32 -25.04 -39.66
CA GLN B 412 17.41 -24.56 -41.04
C GLN B 412 16.08 -24.77 -41.75
N LEU B 413 15.41 -25.89 -41.46
CA LEU B 413 14.13 -26.18 -42.10
C LEU B 413 13.09 -25.19 -41.62
N ALA B 414 13.12 -24.88 -40.31
CA ALA B 414 12.16 -23.95 -39.74
C ALA B 414 12.32 -22.55 -40.34
N TYR B 415 13.56 -22.10 -40.46
CA TYR B 415 13.82 -20.77 -41.03
C TYR B 415 13.30 -20.69 -42.47
N TYR B 416 13.64 -21.71 -43.26
CA TYR B 416 13.22 -21.74 -44.66
C TYR B 416 11.69 -21.68 -44.77
N ARG B 417 11.00 -22.45 -43.94
CA ARG B 417 9.54 -22.45 -43.99
C ARG B 417 8.96 -21.08 -43.75
N ILE B 418 9.63 -20.30 -42.91
CA ILE B 418 9.15 -18.95 -42.63
C ILE B 418 9.60 -17.92 -43.66
N TYR B 419 10.88 -17.94 -44.02
CA TYR B 419 11.39 -16.94 -44.96
C TYR B 419 11.54 -17.33 -46.44
N GLY B 420 11.38 -18.62 -46.75
CA GLY B 420 11.46 -19.06 -48.14
C GLY B 420 12.87 -19.06 -48.70
N GLN B 421 13.86 -18.89 -47.82
CA GLN B 421 15.25 -18.88 -48.24
C GLN B 421 16.15 -19.13 -47.04
N ALA B 422 17.37 -19.56 -47.31
CA ALA B 422 18.34 -19.83 -46.27
C ALA B 422 18.97 -18.52 -45.83
N CYS B 423 19.72 -18.57 -44.73
CA CYS B 423 20.40 -17.38 -44.23
C CYS B 423 21.74 -17.73 -43.55
N ALA B 424 22.64 -16.76 -43.49
CA ALA B 424 23.93 -16.99 -42.85
C ALA B 424 23.58 -17.46 -41.45
N THR B 425 24.12 -18.61 -41.07
CA THR B 425 23.86 -19.20 -39.76
C THR B 425 25.18 -19.47 -39.05
N TYR B 426 25.22 -19.13 -37.77
CA TYR B 426 26.41 -19.31 -36.94
C TYR B 426 26.14 -20.30 -35.81
N GLU B 427 27.06 -21.24 -35.62
CA GLU B 427 26.95 -22.19 -34.51
C GLU B 427 28.32 -22.26 -33.85
N SER B 428 28.35 -22.04 -32.54
CA SER B 428 29.60 -22.09 -31.79
C SER B 428 30.25 -23.45 -31.84
N ALA B 429 31.57 -23.46 -32.07
CA ALA B 429 32.33 -24.69 -32.09
C ALA B 429 33.55 -24.44 -31.19
N SER B 430 33.77 -25.36 -30.25
CA SER B 430 34.89 -25.21 -29.33
C SER B 430 36.22 -25.62 -29.96
N LEU B 431 37.23 -24.79 -29.76
CA LEU B 431 38.57 -25.08 -30.27
C LEU B 431 39.48 -25.34 -29.06
N ARG B 432 38.90 -25.86 -27.98
CA ARG B 432 39.65 -26.13 -26.77
C ARG B 432 40.65 -27.26 -26.87
N MET B 433 40.68 -27.96 -27.99
CA MET B 433 41.67 -29.02 -28.10
C MET B 433 43.03 -28.36 -28.35
N PHE B 434 43.01 -27.07 -28.66
CA PHE B 434 44.25 -26.34 -28.90
C PHE B 434 44.51 -25.40 -27.71
N HIS B 435 45.77 -25.20 -27.38
CA HIS B 435 46.14 -24.33 -26.26
C HIS B 435 45.46 -22.98 -26.38
N LEU B 436 44.77 -22.57 -25.33
CA LEU B 436 44.05 -21.29 -25.27
C LEU B 436 42.95 -21.13 -26.34
N GLY B 437 42.58 -22.24 -26.99
CA GLY B 437 41.54 -22.16 -28.00
C GLY B 437 40.20 -21.78 -27.43
N ARG B 438 39.46 -20.93 -28.16
CA ARG B 438 38.14 -20.52 -27.72
C ARG B 438 37.10 -21.16 -28.64
N THR B 439 36.75 -20.47 -29.72
CA THR B 439 35.75 -20.97 -30.66
C THR B 439 36.05 -20.68 -32.13
N ASP B 440 35.32 -21.36 -33.01
CA ASP B 440 35.40 -21.10 -34.43
C ASP B 440 33.96 -21.28 -34.89
N THR B 441 33.69 -20.93 -36.14
CA THR B 441 32.34 -20.98 -36.66
C THR B 441 31.93 -22.18 -37.50
N ILE B 442 30.79 -22.74 -37.15
CA ILE B 442 30.23 -23.84 -37.91
C ILE B 442 29.08 -23.15 -38.63
N ARG B 443 29.06 -23.27 -39.95
CA ARG B 443 28.00 -22.66 -40.74
C ARG B 443 26.99 -23.73 -41.12
N SER B 444 25.83 -23.66 -40.49
CA SER B 444 24.74 -24.62 -40.67
C SER B 444 24.03 -24.53 -42.01
N ALA B 445 24.05 -23.36 -42.64
CA ALA B 445 23.42 -23.20 -43.94
C ALA B 445 24.47 -23.66 -44.93
N SER B 446 24.19 -24.80 -45.57
CA SER B 446 25.11 -25.39 -46.54
C SER B 446 24.33 -25.80 -47.78
N ILE B 447 25.04 -26.37 -48.75
CA ILE B 447 24.44 -26.83 -49.99
C ILE B 447 23.50 -28.01 -49.74
N ASP B 448 23.87 -28.86 -48.79
CA ASP B 448 23.06 -30.01 -48.46
C ASP B 448 21.84 -29.64 -47.62
N SER B 449 22.00 -28.69 -46.72
CA SER B 449 20.88 -28.29 -45.88
C SER B 449 19.83 -27.58 -46.72
N LEU B 450 20.25 -26.83 -47.73
CA LEU B 450 19.32 -26.11 -48.59
C LEU B 450 18.54 -27.09 -49.47
N ALA B 451 19.26 -28.06 -50.04
CA ALA B 451 18.63 -29.06 -50.89
C ALA B 451 17.57 -29.81 -50.08
N PHE B 452 17.88 -30.07 -48.81
CA PHE B 452 16.94 -30.78 -47.95
C PHE B 452 15.70 -29.96 -47.62
N VAL B 453 15.91 -28.71 -47.22
CA VAL B 453 14.77 -27.86 -46.86
C VAL B 453 13.85 -27.62 -48.05
N LYS B 454 14.43 -27.55 -49.25
CA LYS B 454 13.62 -27.35 -50.44
C LYS B 454 12.88 -28.65 -50.76
N GLY B 455 13.62 -29.75 -50.78
CA GLY B 455 13.02 -31.03 -51.09
C GLY B 455 11.94 -31.46 -50.11
N MET B 456 12.10 -31.09 -48.86
CA MET B 456 11.14 -31.44 -47.82
C MET B 456 9.74 -30.95 -48.14
N GLY B 457 9.64 -29.77 -48.73
CA GLY B 457 8.33 -29.23 -49.07
C GLY B 457 8.02 -29.30 -50.55
N ASP B 458 8.67 -30.21 -51.26
CA ASP B 458 8.46 -30.37 -52.69
C ASP B 458 7.88 -31.73 -53.06
N SER B 459 6.69 -31.71 -53.68
CA SER B 459 6.00 -32.93 -54.07
C SER B 459 6.74 -33.79 -55.09
N THR B 460 7.53 -33.16 -55.94
CA THR B 460 8.27 -33.92 -56.94
C THR B 460 9.37 -34.76 -56.31
N VAL B 461 9.51 -34.65 -54.99
CA VAL B 461 10.51 -35.41 -54.26
C VAL B 461 9.85 -36.43 -53.33
N PRO B 462 9.96 -37.73 -53.67
CA PRO B 462 9.36 -38.79 -52.85
C PRO B 462 9.88 -38.70 -51.43
N GLU B 463 9.07 -39.12 -50.45
CA GLU B 463 9.49 -39.07 -49.07
C GLU B 463 10.83 -39.77 -48.84
N GLN B 464 11.07 -40.86 -49.58
CA GLN B 464 12.32 -41.58 -49.42
C GLN B 464 13.52 -40.71 -49.81
N GLN B 465 13.32 -39.86 -50.82
CA GLN B 465 14.37 -38.96 -51.27
C GLN B 465 14.56 -37.88 -50.21
N LYS B 466 13.48 -37.49 -49.56
CA LYS B 466 13.54 -36.48 -48.51
C LYS B 466 14.43 -37.00 -47.38
N VAL B 467 14.29 -38.28 -47.06
CA VAL B 467 15.07 -38.93 -46.01
C VAL B 467 16.54 -38.89 -46.38
N GLU B 468 16.86 -39.26 -47.62
CA GLU B 468 18.25 -39.26 -48.07
C GLU B 468 18.84 -37.86 -47.94
N LEU B 469 18.06 -36.86 -48.36
CA LEU B 469 18.49 -35.47 -48.27
C LEU B 469 18.70 -35.07 -46.81
N LEU B 470 17.82 -35.54 -45.94
CA LEU B 470 17.91 -35.24 -44.52
C LEU B 470 19.22 -35.77 -43.96
N ARG B 471 19.51 -37.05 -44.23
CA ARG B 471 20.72 -37.67 -43.75
C ARG B 471 21.99 -37.01 -44.33
N LYS B 472 21.93 -36.62 -45.60
CA LYS B 472 23.07 -35.99 -46.24
C LYS B 472 23.36 -34.63 -45.60
N ALA B 473 22.31 -33.88 -45.30
CA ALA B 473 22.47 -32.56 -44.67
C ALA B 473 23.03 -32.77 -43.27
N VAL B 474 22.47 -33.74 -42.55
CA VAL B 474 22.93 -34.02 -41.21
C VAL B 474 24.40 -34.40 -41.23
N GLN B 475 24.78 -35.28 -42.15
CA GLN B 475 26.16 -35.69 -42.26
C GLN B 475 27.11 -34.57 -42.64
N ALA B 476 26.68 -33.69 -43.55
CA ALA B 476 27.53 -32.58 -43.98
C ALA B 476 27.83 -31.68 -42.79
N HIS B 477 26.86 -31.54 -41.90
CA HIS B 477 27.01 -30.71 -40.72
C HIS B 477 27.93 -31.34 -39.67
N ARG B 478 27.89 -32.67 -39.58
CA ARG B 478 28.75 -33.40 -38.65
C ARG B 478 30.18 -33.31 -39.15
N ALA B 479 30.35 -33.34 -40.48
CA ALA B 479 31.68 -33.26 -41.06
C ALA B 479 32.25 -31.86 -40.82
N TYR B 480 31.42 -30.83 -40.97
CA TYR B 480 31.84 -29.45 -40.76
C TYR B 480 32.21 -29.29 -39.29
N THR B 481 31.44 -29.93 -38.43
CA THR B 481 31.69 -29.87 -37.00
C THR B 481 33.05 -30.49 -36.69
N ASP B 482 33.32 -31.67 -37.23
CA ASP B 482 34.61 -32.31 -36.98
C ASP B 482 35.78 -31.47 -37.49
N ARG B 483 35.59 -30.78 -38.61
CA ARG B 483 36.65 -29.93 -39.13
C ARG B 483 36.85 -28.71 -38.23
N ALA B 484 35.78 -28.03 -37.89
CA ALA B 484 35.86 -26.84 -37.04
C ALA B 484 36.55 -27.11 -35.71
N ILE B 485 36.15 -28.21 -35.07
CA ILE B 485 36.70 -28.64 -33.80
C ILE B 485 38.20 -28.91 -33.89
N ARG B 486 38.65 -29.23 -35.10
CA ARG B 486 40.06 -29.54 -35.34
C ARG B 486 40.83 -28.39 -35.99
N GLY B 487 40.25 -27.20 -35.97
CA GLY B 487 40.90 -26.04 -36.55
C GLY B 487 40.91 -26.03 -38.07
N GLU B 488 39.98 -26.73 -38.70
CA GLU B 488 39.91 -26.77 -40.15
C GLU B 488 38.78 -25.94 -40.74
N ALA B 489 38.07 -25.20 -39.88
CA ALA B 489 36.98 -24.34 -40.35
C ALA B 489 37.67 -23.17 -41.03
N PHE B 490 36.93 -22.11 -41.37
CA PHE B 490 37.61 -21.00 -42.05
C PHE B 490 37.28 -19.61 -41.57
N ASP B 491 36.24 -19.46 -40.75
CA ASP B 491 35.88 -18.13 -40.30
C ASP B 491 36.97 -17.37 -39.54
N ARG B 492 37.52 -17.98 -38.48
CA ARG B 492 38.57 -17.32 -37.74
C ARG B 492 39.77 -17.07 -38.61
N HIS B 493 40.00 -18.00 -39.54
CA HIS B 493 41.12 -17.88 -40.46
C HIS B 493 40.91 -16.63 -41.32
N LEU B 494 39.73 -16.50 -41.93
CA LEU B 494 39.45 -15.34 -42.76
C LEU B 494 39.55 -14.06 -41.93
N LEU B 495 39.07 -14.10 -40.70
CA LEU B 495 39.14 -12.93 -39.83
C LEU B 495 40.61 -12.59 -39.62
N GLY B 496 41.42 -13.60 -39.38
CA GLY B 496 42.85 -13.38 -39.16
C GLY B 496 43.53 -12.74 -40.36
N LEU B 497 43.12 -13.14 -41.56
CA LEU B 497 43.70 -12.57 -42.76
C LEU B 497 43.36 -11.09 -42.84
N LYS B 498 42.13 -10.76 -42.44
CA LYS B 498 41.69 -9.38 -42.46
C LYS B 498 42.48 -8.55 -41.44
N LEU B 499 42.58 -9.05 -40.21
CA LEU B 499 43.32 -8.32 -39.16
C LEU B 499 44.79 -8.18 -39.56
N GLN B 500 45.34 -9.21 -40.20
CA GLN B 500 46.72 -9.17 -40.64
C GLN B 500 46.96 -8.05 -41.67
N ALA B 501 45.99 -7.87 -42.56
CA ALA B 501 46.07 -6.83 -43.60
C ALA B 501 46.15 -5.46 -42.94
N ILE B 502 45.30 -5.27 -41.94
CA ILE B 502 45.25 -4.04 -41.18
C ILE B 502 46.58 -3.81 -40.46
N GLU B 503 47.13 -4.88 -39.90
CA GLU B 503 48.38 -4.78 -39.17
C GLU B 503 49.55 -4.55 -40.13
N ASP B 504 49.48 -5.15 -41.32
CA ASP B 504 50.54 -4.99 -42.31
C ASP B 504 50.49 -3.61 -42.94
N LEU B 505 49.48 -2.83 -42.55
CA LEU B 505 49.31 -1.49 -43.07
C LEU B 505 49.07 -1.51 -44.58
N VAL B 506 48.32 -2.51 -45.04
CA VAL B 506 48.00 -2.61 -46.45
C VAL B 506 46.52 -2.32 -46.60
N SER B 507 46.12 -1.93 -47.81
CA SER B 507 44.72 -1.63 -48.12
C SER B 507 43.84 -2.85 -47.86
N MET B 508 42.64 -2.64 -47.35
CA MET B 508 41.70 -3.71 -47.07
C MET B 508 41.42 -4.49 -48.36
N PRO B 509 41.83 -5.78 -48.41
CA PRO B 509 41.60 -6.58 -49.62
C PRO B 509 40.14 -6.56 -50.07
N ASP B 510 39.92 -6.61 -51.38
CA ASP B 510 38.55 -6.60 -51.91
C ASP B 510 37.70 -7.75 -51.40
N ILE B 511 38.32 -8.89 -51.12
CA ILE B 511 37.59 -10.06 -50.65
C ILE B 511 36.80 -9.75 -49.38
N PHE B 512 37.31 -8.82 -48.56
CA PHE B 512 36.63 -8.46 -47.33
C PHE B 512 35.64 -7.32 -47.53
N MET B 513 35.71 -6.65 -48.68
CA MET B 513 34.79 -5.57 -48.97
C MET B 513 33.65 -6.12 -49.82
N ASP B 514 33.83 -7.36 -50.27
CA ASP B 514 32.87 -8.08 -51.10
C ASP B 514 31.50 -8.21 -50.42
N THR B 515 30.43 -8.06 -51.21
CA THR B 515 29.07 -8.17 -50.71
C THR B 515 28.84 -9.54 -50.05
N SER B 516 29.34 -10.59 -50.70
CA SER B 516 29.19 -11.95 -50.18
C SER B 516 29.74 -12.07 -48.77
N TYR B 517 30.87 -11.41 -48.51
CA TYR B 517 31.49 -11.49 -47.19
C TYR B 517 30.66 -10.81 -46.13
N ALA B 518 30.09 -9.66 -46.47
CA ALA B 518 29.25 -8.93 -45.52
C ALA B 518 27.98 -9.74 -45.24
N ILE B 519 27.50 -10.45 -46.26
CA ILE B 519 26.31 -11.28 -46.10
C ILE B 519 26.63 -12.46 -45.18
N ALA B 520 27.75 -13.12 -45.46
CA ALA B 520 28.20 -14.27 -44.69
C ALA B 520 28.46 -13.95 -43.21
N MET B 521 28.91 -12.73 -42.91
CA MET B 521 29.22 -12.35 -41.53
C MET B 521 28.03 -11.74 -40.79
N HIS B 522 26.92 -11.61 -41.48
CA HIS B 522 25.69 -11.07 -40.90
C HIS B 522 24.85 -12.29 -40.56
N PHE B 523 24.96 -12.76 -39.32
CA PHE B 523 24.24 -13.97 -38.89
C PHE B 523 22.81 -13.78 -38.40
N ASN B 524 21.86 -13.92 -39.32
CA ASN B 524 20.43 -13.80 -39.00
C ASN B 524 20.11 -14.88 -37.96
N LEU B 525 20.85 -15.98 -38.01
CA LEU B 525 20.70 -17.06 -37.05
C LEU B 525 22.04 -17.22 -36.34
N SER B 526 22.05 -17.02 -35.02
CA SER B 526 23.25 -17.15 -34.22
C SER B 526 22.88 -18.16 -33.15
N THR B 527 23.58 -19.29 -33.15
CA THR B 527 23.26 -20.37 -32.22
C THR B 527 24.43 -21.01 -31.50
N SER B 528 24.07 -21.83 -30.51
CA SER B 528 25.05 -22.57 -29.74
C SER B 528 24.35 -23.65 -28.95
N GLN B 529 25.09 -24.70 -28.65
CA GLN B 529 24.60 -25.80 -27.87
C GLN B 529 25.42 -25.73 -26.60
N VAL B 530 24.77 -25.77 -25.45
CA VAL B 530 25.51 -25.77 -24.18
C VAL B 530 24.99 -26.98 -23.41
N PRO B 531 25.59 -28.16 -23.63
CA PRO B 531 25.19 -29.39 -22.94
C PRO B 531 25.46 -29.34 -21.45
N ALA B 532 24.51 -29.84 -20.65
CA ALA B 532 24.67 -29.85 -19.20
C ALA B 532 23.87 -30.95 -18.55
N LYS B 533 24.38 -31.48 -17.44
CA LYS B 533 23.69 -32.53 -16.70
C LYS B 533 22.51 -31.91 -15.99
N THR B 534 22.66 -30.64 -15.61
CA THR B 534 21.59 -29.92 -14.92
C THR B 534 20.54 -29.53 -15.97
N ASP B 535 19.27 -29.71 -15.63
CA ASP B 535 18.19 -29.37 -16.53
C ASP B 535 18.08 -27.84 -16.59
N CYS B 536 19.09 -27.21 -17.19
CA CYS B 536 19.16 -25.76 -17.31
C CYS B 536 19.19 -25.35 -18.77
N VAL B 537 19.10 -24.06 -19.02
CA VAL B 537 19.16 -23.58 -20.39
C VAL B 537 19.78 -22.18 -20.42
N MET B 538 20.55 -21.89 -21.46
CA MET B 538 21.19 -20.59 -21.61
C MET B 538 20.55 -19.80 -22.73
N PHE B 539 20.83 -18.49 -22.77
CA PHE B 539 20.26 -17.63 -23.79
C PHE B 539 21.04 -16.33 -23.97
N PHE B 540 20.86 -15.72 -25.13
CA PHE B 540 21.55 -14.47 -25.46
C PHE B 540 20.76 -13.72 -26.50
N GLY B 541 21.08 -12.44 -26.67
CA GLY B 541 20.37 -11.64 -27.65
C GLY B 541 20.90 -11.88 -29.05
N PRO B 542 20.11 -11.58 -30.09
CA PRO B 542 20.55 -11.77 -31.47
C PRO B 542 21.82 -10.92 -31.71
N VAL B 543 22.63 -11.26 -32.71
CA VAL B 543 23.86 -10.50 -32.98
C VAL B 543 23.65 -9.45 -34.07
N VAL B 544 22.46 -9.45 -34.68
CA VAL B 544 22.07 -8.50 -35.72
C VAL B 544 20.65 -8.05 -35.42
N PRO B 545 20.32 -6.79 -35.76
CA PRO B 545 18.98 -6.24 -35.51
C PRO B 545 17.86 -7.11 -36.03
N ASP B 546 18.09 -7.76 -37.16
CA ASP B 546 17.07 -8.61 -37.75
C ASP B 546 17.36 -10.10 -37.60
N GLY B 547 18.03 -10.47 -36.52
CA GLY B 547 18.34 -11.87 -36.32
C GLY B 547 17.72 -12.53 -35.09
N TYR B 548 18.09 -13.78 -34.86
CA TYR B 548 17.62 -14.52 -33.71
C TYR B 548 18.82 -15.05 -32.93
N GLY B 549 18.61 -15.20 -31.62
CA GLY B 549 19.64 -15.75 -30.76
C GLY B 549 19.05 -17.06 -30.31
N ILE B 550 19.65 -18.19 -30.68
CA ILE B 550 19.08 -19.46 -30.29
C ILE B 550 20.08 -20.35 -29.57
N CYS B 551 19.74 -20.81 -28.37
CA CYS B 551 20.64 -21.66 -27.61
C CYS B 551 19.83 -22.84 -27.10
N TYR B 552 20.52 -23.96 -26.89
CA TYR B 552 19.81 -25.11 -26.40
C TYR B 552 20.68 -26.10 -25.64
N ASN B 553 20.02 -26.82 -24.74
CA ASN B 553 20.66 -27.84 -23.94
C ASN B 553 19.99 -29.16 -24.33
N PRO B 554 20.68 -29.95 -25.17
CA PRO B 554 20.18 -31.24 -25.64
C PRO B 554 20.21 -32.32 -24.55
N MET B 555 19.09 -32.52 -23.87
CA MET B 555 19.06 -33.54 -22.84
C MET B 555 18.74 -34.86 -23.53
N GLU B 556 18.65 -35.92 -22.74
CA GLU B 556 18.37 -37.24 -23.30
C GLU B 556 16.96 -37.40 -23.88
N ALA B 557 15.93 -37.02 -23.13
CA ALA B 557 14.55 -37.17 -23.59
C ALA B 557 13.81 -35.85 -23.90
N HIS B 558 14.51 -34.74 -23.76
CA HIS B 558 13.93 -33.43 -24.06
C HIS B 558 15.05 -32.44 -24.39
N ILE B 559 14.67 -31.25 -24.86
CA ILE B 559 15.64 -30.23 -25.21
C ILE B 559 15.17 -28.88 -24.71
N ASN B 560 16.06 -28.17 -24.03
CA ASN B 560 15.73 -26.85 -23.55
C ASN B 560 16.16 -25.88 -24.64
N PHE B 561 15.21 -25.09 -25.13
CA PHE B 561 15.50 -24.13 -26.19
C PHE B 561 15.21 -22.72 -25.71
N SER B 562 15.92 -21.75 -26.26
CA SER B 562 15.69 -20.34 -25.94
C SER B 562 15.82 -19.63 -27.26
N VAL B 563 14.85 -18.78 -27.59
CA VAL B 563 14.89 -18.03 -28.83
C VAL B 563 14.68 -16.57 -28.52
N SER B 564 15.56 -15.73 -29.03
CA SER B 564 15.46 -14.30 -28.79
C SER B 564 15.40 -13.54 -30.09
N ALA B 565 14.81 -12.35 -30.06
CA ALA B 565 14.70 -11.51 -31.25
C ALA B 565 14.46 -10.07 -30.78
N TYR B 566 14.61 -9.11 -31.68
CA TYR B 566 14.40 -7.71 -31.34
C TYR B 566 13.09 -7.22 -31.94
N ASN B 567 12.28 -6.54 -31.13
CA ASN B 567 11.00 -6.04 -31.62
C ASN B 567 11.13 -4.92 -32.65
N SER B 568 12.29 -4.28 -32.68
CA SER B 568 12.55 -3.21 -33.63
C SER B 568 12.49 -3.76 -35.06
N CYS B 569 12.61 -5.06 -35.21
CA CYS B 569 12.55 -5.69 -36.52
C CYS B 569 11.25 -6.45 -36.67
N ALA B 570 10.34 -5.87 -37.45
CA ALA B 570 9.04 -6.49 -37.68
C ALA B 570 9.18 -7.83 -38.39
N GLU B 571 10.36 -8.09 -38.95
CA GLU B 571 10.61 -9.32 -39.68
C GLU B 571 10.91 -10.55 -38.83
N THR B 572 11.11 -10.36 -37.52
CA THR B 572 11.41 -11.49 -36.64
C THR B 572 10.42 -11.60 -35.50
N ASN B 573 10.20 -12.84 -35.05
CA ASN B 573 9.26 -13.10 -33.98
C ASN B 573 9.71 -14.38 -33.28
N ALA B 574 10.17 -14.24 -32.04
CA ALA B 574 10.68 -15.37 -31.26
C ALA B 574 9.68 -16.51 -31.07
N ALA B 575 8.45 -16.19 -30.70
CA ALA B 575 7.44 -17.23 -30.51
C ALA B 575 7.23 -18.02 -31.80
N ARG B 576 7.15 -17.31 -32.92
CA ARG B 576 6.94 -17.97 -34.19
C ARG B 576 8.15 -18.82 -34.61
N MET B 577 9.35 -18.30 -34.40
CA MET B 577 10.55 -19.05 -34.75
C MET B 577 10.55 -20.36 -33.96
N ALA B 578 10.26 -20.25 -32.67
CA ALA B 578 10.25 -21.40 -31.77
C ALA B 578 9.23 -22.46 -32.22
N HIS B 579 8.01 -22.00 -32.53
CA HIS B 579 6.95 -22.89 -32.98
C HIS B 579 7.33 -23.63 -34.26
N TYR B 580 7.96 -22.93 -35.20
CA TYR B 580 8.38 -23.58 -36.42
C TYR B 580 9.52 -24.53 -36.14
N LEU B 581 10.34 -24.20 -35.15
CA LEU B 581 11.45 -25.06 -34.79
C LEU B 581 10.91 -26.37 -34.19
N GLU B 582 9.99 -26.26 -33.25
CA GLU B 582 9.37 -27.44 -32.63
C GLU B 582 8.77 -28.32 -33.73
N LYS B 583 7.97 -27.70 -34.59
CA LYS B 583 7.32 -28.42 -35.66
C LYS B 583 8.32 -29.03 -36.65
N ALA B 584 9.40 -28.33 -36.94
CA ALA B 584 10.39 -28.84 -37.88
C ALA B 584 11.00 -30.11 -37.31
N LEU B 585 11.30 -30.08 -36.01
CA LEU B 585 11.89 -31.23 -35.34
C LEU B 585 10.93 -32.42 -35.43
N LEU B 586 9.66 -32.17 -35.15
CA LEU B 586 8.63 -33.21 -35.21
C LEU B 586 8.45 -33.77 -36.61
N ASP B 587 8.43 -32.90 -37.62
CA ASP B 587 8.28 -33.38 -38.99
C ASP B 587 9.46 -34.25 -39.41
N MET B 588 10.65 -33.90 -38.94
CA MET B 588 11.82 -34.70 -39.30
C MET B 588 11.71 -36.07 -38.64
N ARG B 589 11.22 -36.12 -37.40
CA ARG B 589 11.06 -37.40 -36.73
C ARG B 589 10.00 -38.25 -37.44
N THR B 590 8.87 -37.61 -37.76
CA THR B 590 7.77 -38.29 -38.44
C THR B 590 8.27 -38.89 -39.76
N LEU B 591 8.99 -38.09 -40.53
CA LEU B 591 9.51 -38.54 -41.81
C LEU B 591 10.42 -39.75 -41.69
N LEU B 592 11.38 -39.69 -40.75
CA LEU B 592 12.31 -40.80 -40.54
C LEU B 592 11.63 -42.09 -40.06
N GLN B 593 10.68 -41.93 -39.13
CA GLN B 593 9.95 -43.07 -38.59
C GLN B 593 9.02 -43.72 -39.61
N ASN B 594 8.57 -42.92 -40.59
CA ASN B 594 7.70 -43.42 -41.64
C ASN B 594 8.52 -44.16 -42.69
N HIS B 595 9.84 -44.17 -42.49
CA HIS B 595 10.74 -44.82 -43.43
C HIS B 595 11.90 -45.50 -42.71
N PRO B 596 11.61 -46.51 -41.88
CA PRO B 596 12.62 -47.25 -41.12
C PRO B 596 13.63 -47.97 -42.02
N ARG B 597 14.66 -48.53 -41.40
CA ARG B 597 15.69 -49.27 -42.12
C ARG B 597 15.18 -50.62 -42.56
N ALA B 598 15.97 -51.33 -43.36
CA ALA B 598 15.61 -52.65 -43.85
C ALA B 598 15.12 -53.54 -42.71
N LYS B 599 14.10 -54.34 -42.99
CA LYS B 599 13.53 -55.26 -42.00
C LYS B 599 12.89 -54.47 -40.86
#